data_3TLK
#
_entry.id   3TLK
#
_cell.length_a   74.024
_cell.length_b   131.591
_cell.length_c   196.113
_cell.angle_alpha   90.00
_cell.angle_beta   90.00
_cell.angle_gamma   90.00
#
_symmetry.space_group_name_H-M   'C 2 2 21'
#
loop_
_entity.id
_entity.type
_entity.pdbx_description
1 polymer 'Ferrienterobactin-binding periplasmic protein'
2 non-polymer 'FE (III) ION'
3 non-polymer "N,N',N''-[(3S,7S,11S)-2,6,10-trioxo-1,5,9-trioxacyclododecane-3,7,11-triyl]tris(2,3-dihydroxybenzamide)"
4 non-polymer '1,4-DIETHYLENE DIOXIDE'
5 water water
#
_entity_poly.entity_id   1
_entity_poly.type   'polypeptide(L)'
_entity_poly.pdbx_seq_one_letter_code
;MRLAPLYRNALLLTGLLLSGIAAVQAADWPRQITDSRGTHTLESQPQRIVSTSVTLTGSLLAIDAPVIASGATTPNNRVA
DDQGFLRQWSKVAKERKLQRLYIGEPSAEAVAAQMPDLILISATGGDSALALYDQLSTIAPTLIINYDDKSWQSLLTQLG
EITGHEKQAAERIAQFDKQLAAAKEQIKLPPQPVTAIVYTAAAHSANLWTPESAQGQMLEQLGFTLAKLPAGLNASQSQG
KRHDIIQLGGENLAAGLNGESLFLFAGDQKDADAIYANPLLAHLPAVQNKQVYALGTETFRLDYYSAMQVLDRLKALFLE
HHHHHH
;
_entity_poly.pdbx_strand_id   A,B,C
#
loop_
_chem_comp.id
_chem_comp.type
_chem_comp.name
_chem_comp.formula
DIO non-polymer '1,4-DIETHYLENE DIOXIDE' 'C4 H8 O2'
EB4 non-polymer N,N',N''-[(3S,7S,11S)-2,6,10-trioxo-1,5,9-trioxacyclododecane-3,7,11-triyl]tris(2,3-dihydroxybenzamide) 'C30 H27 N3 O15'
FE non-polymer 'FE (III) ION' 'Fe 3'
#
# COMPACT_ATOMS: atom_id res chain seq x y z
N ALA A 27 5.74 15.15 -48.34
CA ALA A 27 4.95 14.10 -47.70
C ALA A 27 5.11 14.16 -46.18
N ASP A 28 4.17 13.53 -45.49
CA ASP A 28 4.17 13.51 -44.04
C ASP A 28 5.20 12.54 -43.47
N TRP A 29 5.39 11.41 -44.17
CA TRP A 29 6.35 10.40 -43.76
C TRP A 29 7.29 10.07 -44.91
N PRO A 30 8.56 9.75 -44.60
CA PRO A 30 9.06 9.67 -43.22
C PRO A 30 9.24 11.04 -42.59
N ARG A 31 9.51 11.03 -41.29
CA ARG A 31 9.79 12.24 -40.54
C ARG A 31 10.78 11.91 -39.43
N GLN A 32 11.50 12.92 -38.97
CA GLN A 32 12.44 12.75 -37.88
C GLN A 32 11.83 13.30 -36.59
N ILE A 33 12.02 12.56 -35.50
CA ILE A 33 11.65 13.06 -34.18
C ILE A 33 12.87 13.01 -33.27
N THR A 34 13.13 14.12 -32.60
CA THR A 34 14.31 14.21 -31.74
C THR A 34 14.02 13.86 -30.29
N ASP A 35 14.92 13.08 -29.70
CA ASP A 35 14.82 12.62 -28.33
C ASP A 35 15.96 13.21 -27.53
N SER A 36 15.95 12.91 -26.23
CA SER A 36 17.12 13.17 -25.40
C SER A 36 18.25 12.26 -25.88
N ARG A 37 17.87 11.22 -26.62
CA ARG A 37 18.83 10.26 -27.15
C ARG A 37 19.08 10.46 -28.65
N GLY A 38 18.82 11.66 -29.15
CA GLY A 38 19.11 12.01 -30.53
C GLY A 38 17.90 12.04 -31.45
N THR A 39 18.14 12.30 -32.72
CA THR A 39 17.08 12.28 -33.72
C THR A 39 16.90 10.89 -34.30
N HIS A 40 15.64 10.49 -34.43
CA HIS A 40 15.32 9.17 -34.95
C HIS A 40 14.41 9.31 -36.15
N THR A 41 14.34 8.26 -36.95
CA THR A 41 13.53 8.27 -38.15
C THR A 41 12.30 7.39 -38.00
N LEU A 42 11.13 7.98 -38.18
CA LEU A 42 9.91 7.21 -38.34
C LEU A 42 9.63 7.09 -39.82
N GLU A 43 9.79 5.88 -40.35
CA GLU A 43 9.67 5.63 -41.78
C GLU A 43 8.24 5.92 -42.22
N SER A 44 7.29 5.44 -41.44
CA SER A 44 5.89 5.64 -41.75
C SER A 44 5.08 5.79 -40.47
N GLN A 45 3.82 6.15 -40.63
CA GLN A 45 2.93 6.35 -39.49
C GLN A 45 2.79 5.08 -38.69
N PRO A 46 3.06 5.16 -37.38
CA PRO A 46 2.88 3.99 -36.50
C PRO A 46 1.46 3.49 -36.54
N GLN A 47 1.29 2.17 -36.47
CA GLN A 47 -0.03 1.56 -36.52
C GLN A 47 -0.25 0.62 -35.35
N ARG A 48 0.84 0.31 -34.64
CA ARG A 48 0.77 -0.53 -33.45
C ARG A 48 1.71 0.03 -32.39
N ILE A 49 1.23 1.01 -31.64
CA ILE A 49 2.05 1.69 -30.64
C ILE A 49 1.92 0.96 -29.31
N VAL A 50 3.05 0.68 -28.67
CA VAL A 50 3.04 0.16 -27.32
C VAL A 50 3.54 1.25 -26.38
N SER A 51 2.75 1.59 -25.36
CA SER A 51 3.22 2.53 -24.34
C SER A 51 3.65 1.76 -23.09
N THR A 52 4.90 1.93 -22.66
CA THR A 52 5.36 1.35 -21.41
C THR A 52 5.06 2.27 -20.23
N SER A 53 4.45 3.42 -20.53
CA SER A 53 4.09 4.36 -19.47
C SER A 53 2.58 4.49 -19.37
N VAL A 54 2.01 4.00 -18.28
CA VAL A 54 0.57 4.14 -18.08
C VAL A 54 0.14 5.63 -18.15
N THR A 55 1.00 6.55 -17.73
CA THR A 55 0.69 7.98 -17.85
C THR A 55 0.50 8.42 -19.31
N LEU A 56 1.45 8.07 -20.18
CA LEU A 56 1.41 8.51 -21.57
C LEU A 56 0.18 7.95 -22.27
N THR A 57 -0.24 6.77 -21.86
CA THR A 57 -1.35 6.08 -22.53
C THR A 57 -2.62 6.94 -22.61
N GLY A 58 -2.89 7.73 -21.57
CA GLY A 58 -4.07 8.57 -21.52
C GLY A 58 -4.10 9.59 -22.64
N SER A 59 -2.95 10.23 -22.87
CA SER A 59 -2.82 11.18 -23.96
C SER A 59 -2.96 10.50 -25.33
N LEU A 60 -2.38 9.30 -25.46
CA LEU A 60 -2.47 8.55 -26.71
C LEU A 60 -3.94 8.26 -27.02
N LEU A 61 -4.66 7.78 -26.02
CA LEU A 61 -6.08 7.49 -26.22
C LEU A 61 -6.86 8.76 -26.60
N ALA A 62 -6.49 9.88 -25.98
CA ALA A 62 -7.22 11.13 -26.19
C ALA A 62 -7.17 11.58 -27.64
N ILE A 63 -6.09 11.27 -28.35
CA ILE A 63 -5.97 11.67 -29.75
C ILE A 63 -6.15 10.50 -30.71
N ASP A 64 -6.71 9.40 -30.18
CA ASP A 64 -7.08 8.26 -31.00
C ASP A 64 -5.88 7.65 -31.68
N ALA A 65 -4.70 7.78 -31.07
CA ALA A 65 -3.52 7.09 -31.58
C ALA A 65 -3.72 5.59 -31.40
N PRO A 66 -3.15 4.79 -32.31
CA PRO A 66 -3.33 3.33 -32.24
C PRO A 66 -2.45 2.69 -31.16
N VAL A 67 -2.67 3.08 -29.91
CA VAL A 67 -2.00 2.41 -28.80
C VAL A 67 -2.71 1.08 -28.52
N ILE A 68 -2.00 -0.02 -28.76
CA ILE A 68 -2.64 -1.32 -28.68
C ILE A 68 -2.37 -2.06 -27.36
N ALA A 69 -1.41 -1.57 -26.58
CA ALA A 69 -1.12 -2.17 -25.29
C ALA A 69 -0.39 -1.15 -24.42
N SER A 70 -0.63 -1.23 -23.11
CA SER A 70 -0.03 -0.29 -22.18
C SER A 70 0.48 -0.98 -20.92
N GLY A 71 1.54 -0.41 -20.33
CA GLY A 71 1.95 -0.77 -18.99
C GLY A 71 0.80 -0.43 -18.06
N ALA A 72 0.77 -1.11 -16.91
CA ALA A 72 -0.26 -0.81 -15.91
C ALA A 72 0.40 -0.67 -14.54
N THR A 73 -0.29 0.00 -13.63
CA THR A 73 0.13 0.00 -12.23
C THR A 73 -0.71 -1.03 -11.50
N THR A 74 -0.72 -1.01 -10.18
CA THR A 74 -1.43 -2.03 -9.42
C THR A 74 -2.95 -1.89 -9.49
N PRO A 75 -3.65 -2.95 -9.96
CA PRO A 75 -5.12 -2.90 -9.99
C PRO A 75 -5.71 -2.51 -8.65
N ASN A 76 -6.68 -1.60 -8.69
CA ASN A 76 -7.46 -1.18 -7.52
C ASN A 76 -6.63 -0.43 -6.46
N ASN A 77 -5.47 0.08 -6.85
CA ASN A 77 -4.74 0.97 -5.93
C ASN A 77 -5.39 2.35 -5.93
N ARG A 78 -4.73 3.33 -5.34
CA ARG A 78 -5.37 4.62 -5.10
C ARG A 78 -5.74 5.37 -6.38
N VAL A 79 -5.01 5.08 -7.46
CA VAL A 79 -5.12 5.87 -8.70
C VAL A 79 -5.57 5.07 -9.93
N ALA A 80 -5.83 3.78 -9.74
CA ALA A 80 -6.09 2.91 -10.89
C ALA A 80 -7.41 2.15 -10.81
N ASP A 81 -7.84 1.64 -11.96
CA ASP A 81 -9.07 0.85 -12.05
C ASP A 81 -8.77 -0.63 -11.81
N ASP A 82 -9.73 -1.49 -12.11
CA ASP A 82 -9.56 -2.90 -11.80
C ASP A 82 -8.55 -3.61 -12.71
N GLN A 83 -8.04 -2.90 -13.71
CA GLN A 83 -6.98 -3.44 -14.56
C GLN A 83 -5.58 -2.86 -14.28
N GLY A 84 -5.53 -1.80 -13.48
CA GLY A 84 -4.29 -1.07 -13.26
C GLY A 84 -4.10 0.09 -14.24
N PHE A 85 -5.18 0.44 -14.94
CA PHE A 85 -5.16 1.60 -15.83
C PHE A 85 -5.62 2.84 -15.05
N LEU A 86 -5.21 4.03 -15.48
CA LEU A 86 -5.61 5.25 -14.76
C LEU A 86 -7.12 5.55 -14.88
N ARG A 87 -7.70 6.09 -13.82
CA ARG A 87 -9.16 6.08 -13.71
C ARG A 87 -9.85 6.95 -14.76
N GLN A 88 -9.23 8.06 -15.15
CA GLN A 88 -9.93 9.02 -16.01
C GLN A 88 -10.18 8.47 -17.41
N TRP A 89 -9.42 7.45 -17.82
CA TRP A 89 -9.62 6.85 -19.13
C TRP A 89 -9.91 5.36 -19.04
N SER A 90 -10.29 4.90 -17.85
CA SER A 90 -10.67 3.50 -17.64
C SER A 90 -11.71 3.01 -18.65
N LYS A 91 -12.80 3.73 -18.76
CA LYS A 91 -13.89 3.30 -19.64
C LYS A 91 -13.41 3.22 -21.09
N VAL A 92 -12.72 4.26 -21.54
CA VAL A 92 -12.15 4.28 -22.90
C VAL A 92 -11.27 3.07 -23.19
N ALA A 93 -10.37 2.74 -22.26
CA ALA A 93 -9.49 1.59 -22.46
C ALA A 93 -10.29 0.28 -22.57
N LYS A 94 -11.34 0.15 -21.78
CA LYS A 94 -12.18 -1.05 -21.80
C LYS A 94 -12.94 -1.15 -23.13
N GLU A 95 -13.51 -0.03 -23.58
CA GLU A 95 -14.22 0.03 -24.85
C GLU A 95 -13.34 -0.38 -26.01
N ARG A 96 -12.08 0.05 -25.99
CA ARG A 96 -11.18 -0.21 -27.11
C ARG A 96 -10.35 -1.49 -26.95
N LYS A 97 -10.61 -2.25 -25.90
CA LYS A 97 -9.88 -3.48 -25.63
C LYS A 97 -8.36 -3.31 -25.58
N LEU A 98 -7.93 -2.20 -25.00
CA LEU A 98 -6.51 -1.96 -24.76
C LEU A 98 -5.92 -3.14 -24.00
N GLN A 99 -4.81 -3.69 -24.51
CA GLN A 99 -4.13 -4.80 -23.83
C GLN A 99 -3.19 -4.31 -22.73
N ARG A 100 -3.04 -5.11 -21.68
CA ARG A 100 -2.13 -4.77 -20.57
C ARG A 100 -0.83 -5.55 -20.71
N LEU A 101 0.30 -4.84 -20.76
CA LEU A 101 1.61 -5.48 -20.92
C LEU A 101 2.04 -6.23 -19.66
N TYR A 102 1.91 -5.55 -18.53
CA TYR A 102 2.42 -6.03 -17.24
C TYR A 102 1.87 -5.14 -16.15
N ILE A 103 1.98 -5.61 -14.91
CA ILE A 103 1.60 -4.81 -13.74
C ILE A 103 2.84 -4.43 -12.98
N GLY A 104 3.16 -3.15 -12.94
CA GLY A 104 4.30 -2.67 -12.17
C GLY A 104 5.64 -2.88 -12.85
N GLU A 105 6.23 -4.06 -12.68
CA GLU A 105 7.54 -4.39 -13.23
C GLU A 105 7.53 -4.53 -14.75
N PRO A 106 8.30 -3.69 -15.46
CA PRO A 106 8.34 -3.72 -16.93
C PRO A 106 8.92 -5.03 -17.48
N SER A 107 8.38 -5.52 -18.58
CA SER A 107 8.88 -6.74 -19.21
C SER A 107 9.08 -6.52 -20.70
N ALA A 108 10.31 -6.67 -21.17
CA ALA A 108 10.60 -6.45 -22.58
C ALA A 108 9.94 -7.52 -23.44
N GLU A 109 9.86 -8.74 -22.94
CA GLU A 109 9.22 -9.81 -23.71
C GLU A 109 7.74 -9.53 -23.92
N ALA A 110 7.10 -8.94 -22.91
CA ALA A 110 5.68 -8.60 -23.00
C ALA A 110 5.46 -7.59 -24.12
N VAL A 111 6.38 -6.64 -24.23
CA VAL A 111 6.33 -5.64 -25.27
C VAL A 111 6.49 -6.30 -26.65
N ALA A 112 7.53 -7.12 -26.78
CA ALA A 112 7.82 -7.80 -28.04
C ALA A 112 6.61 -8.59 -28.54
N ALA A 113 5.93 -9.24 -27.60
CA ALA A 113 4.79 -10.10 -27.90
C ALA A 113 3.64 -9.33 -28.54
N GLN A 114 3.61 -8.02 -28.35
CA GLN A 114 2.56 -7.17 -28.93
C GLN A 114 2.88 -6.74 -30.35
N MET A 115 4.09 -7.10 -30.80
CA MET A 115 4.56 -6.74 -32.13
C MET A 115 4.33 -5.27 -32.48
N PRO A 116 4.95 -4.36 -31.71
CA PRO A 116 4.82 -2.93 -31.94
C PRO A 116 5.64 -2.43 -33.12
N ASP A 117 5.25 -1.29 -33.67
CA ASP A 117 6.11 -0.58 -34.61
C ASP A 117 6.58 0.75 -34.01
N LEU A 118 6.17 1.01 -32.78
CA LEU A 118 6.65 2.16 -32.02
C LEU A 118 6.50 1.85 -30.55
N ILE A 119 7.54 2.18 -29.78
CA ILE A 119 7.50 1.98 -28.32
C ILE A 119 7.77 3.30 -27.61
N LEU A 120 6.93 3.65 -26.65
CA LEU A 120 7.14 4.87 -25.87
C LEU A 120 7.47 4.54 -24.43
N ILE A 121 8.40 5.32 -23.87
CA ILE A 121 8.91 5.14 -22.52
C ILE A 121 8.85 6.49 -21.81
N SER A 122 8.35 6.55 -20.56
CA SER A 122 8.47 7.81 -19.83
C SER A 122 9.85 7.96 -19.17
N ALA A 123 10.33 9.20 -19.10
CA ALA A 123 11.66 9.49 -18.56
C ALA A 123 11.72 9.41 -17.03
N THR A 124 10.60 9.75 -16.40
CA THR A 124 10.52 9.87 -14.93
C THR A 124 9.21 9.24 -14.43
N GLY A 125 9.08 9.06 -13.12
CA GLY A 125 7.89 8.50 -12.53
C GLY A 125 7.99 7.00 -12.27
N GLY A 126 7.06 6.46 -11.51
CA GLY A 126 7.02 5.05 -11.20
C GLY A 126 6.74 4.18 -12.42
N ASP A 127 6.21 4.79 -13.47
CA ASP A 127 5.93 4.04 -14.70
C ASP A 127 7.05 4.12 -15.75
N SER A 128 8.21 4.62 -15.37
CA SER A 128 9.34 4.71 -16.31
C SER A 128 10.03 3.35 -16.55
N ALA A 129 10.06 2.90 -17.80
CA ALA A 129 10.77 1.68 -18.16
C ALA A 129 12.13 2.03 -18.80
N LEU A 130 12.70 3.15 -18.36
CA LEU A 130 13.93 3.67 -18.97
C LEU A 130 15.09 2.68 -18.89
N ALA A 131 15.09 1.84 -17.86
CA ALA A 131 16.13 0.84 -17.70
C ALA A 131 16.15 -0.18 -18.84
N LEU A 132 15.02 -0.35 -19.51
CA LEU A 132 14.95 -1.35 -20.58
C LEU A 132 15.14 -0.72 -21.95
N TYR A 133 15.57 0.53 -21.99
CA TYR A 133 15.71 1.27 -23.23
C TYR A 133 16.48 0.52 -24.32
N ASP A 134 17.64 0.00 -23.95
CA ASP A 134 18.48 -0.66 -24.94
C ASP A 134 17.77 -1.89 -25.45
N GLN A 135 17.19 -2.66 -24.54
CA GLN A 135 16.50 -3.88 -24.94
C GLN A 135 15.27 -3.59 -25.81
N LEU A 136 14.46 -2.61 -25.40
CA LEU A 136 13.25 -2.25 -26.13
C LEU A 136 13.60 -1.73 -27.52
N SER A 137 14.68 -0.95 -27.55
CA SER A 137 15.18 -0.32 -28.78
C SER A 137 15.41 -1.33 -29.91
N THR A 138 15.65 -2.59 -29.55
CA THR A 138 15.91 -3.63 -30.56
C THR A 138 14.62 -4.15 -31.20
N ILE A 139 13.49 -3.95 -30.53
CA ILE A 139 12.21 -4.45 -31.02
C ILE A 139 11.61 -3.54 -32.07
N ALA A 140 11.61 -2.24 -31.79
CA ALA A 140 11.00 -1.26 -32.69
C ALA A 140 11.54 0.12 -32.33
N PRO A 141 11.34 1.11 -33.23
CA PRO A 141 11.74 2.47 -32.88
C PRO A 141 11.17 2.82 -31.51
N THR A 142 11.99 3.42 -30.66
CA THR A 142 11.67 3.61 -29.25
C THR A 142 12.02 5.04 -28.85
N LEU A 143 11.07 5.75 -28.25
CA LEU A 143 11.27 7.15 -27.88
C LEU A 143 11.05 7.37 -26.39
N ILE A 144 11.82 8.30 -25.83
CA ILE A 144 11.71 8.66 -24.43
C ILE A 144 11.00 10.00 -24.31
N ILE A 145 9.93 10.03 -23.51
CA ILE A 145 9.09 11.21 -23.37
C ILE A 145 9.04 11.68 -21.92
N ASN A 146 9.17 12.99 -21.70
CA ASN A 146 9.02 13.57 -20.37
C ASN A 146 7.60 14.09 -20.17
N TYR A 147 6.95 13.69 -19.08
CA TYR A 147 5.63 14.27 -18.77
C TYR A 147 5.66 15.14 -17.52
N ASP A 148 6.82 15.21 -16.87
CA ASP A 148 6.98 15.86 -15.58
C ASP A 148 7.23 17.38 -15.69
N ASP A 149 7.44 17.87 -16.90
CA ASP A 149 7.93 19.24 -17.07
C ASP A 149 7.16 20.07 -18.10
N LYS A 150 5.96 19.63 -18.47
CA LYS A 150 5.19 20.30 -19.51
C LYS A 150 3.70 20.17 -19.24
N SER A 151 2.91 21.09 -19.80
CA SER A 151 1.46 21.04 -19.69
C SER A 151 0.91 19.81 -20.40
N TRP A 152 -0.29 19.40 -20.05
CA TRP A 152 -0.91 18.27 -20.74
C TRP A 152 -1.09 18.58 -22.24
N GLN A 153 -1.36 19.86 -22.56
CA GLN A 153 -1.55 20.24 -23.96
C GLN A 153 -0.22 20.17 -24.72
N SER A 154 0.87 20.59 -24.08
CA SER A 154 2.19 20.47 -24.70
C SER A 154 2.54 19.02 -25.01
N LEU A 155 2.31 18.15 -24.03
CA LEU A 155 2.53 16.72 -24.21
C LEU A 155 1.65 16.14 -25.31
N LEU A 156 0.38 16.55 -25.34
CA LEU A 156 -0.53 16.05 -26.36
C LEU A 156 -0.04 16.44 -27.76
N THR A 157 0.35 17.70 -27.89
CA THR A 157 0.87 18.24 -29.14
C THR A 157 2.10 17.44 -29.60
N GLN A 158 3.05 17.22 -28.69
CA GLN A 158 4.23 16.40 -28.98
C GLN A 158 3.85 14.99 -29.47
N LEU A 159 2.91 14.37 -28.77
CA LEU A 159 2.49 13.03 -29.14
C LEU A 159 1.77 13.04 -30.49
N GLY A 160 1.12 14.15 -30.81
CA GLY A 160 0.44 14.31 -32.08
C GLY A 160 1.45 14.28 -33.23
N GLU A 161 2.55 15.00 -33.05
CA GLU A 161 3.66 14.98 -34.01
C GLU A 161 4.27 13.60 -34.16
N ILE A 162 4.43 12.89 -33.05
CA ILE A 162 5.04 11.56 -33.08
C ILE A 162 4.19 10.54 -33.83
N THR A 163 2.86 10.67 -33.72
CA THR A 163 1.93 9.66 -34.23
C THR A 163 1.22 10.04 -35.52
N GLY A 164 1.36 11.29 -35.95
CA GLY A 164 0.65 11.76 -37.11
C GLY A 164 -0.81 12.12 -36.81
N HIS A 165 -1.10 12.38 -35.54
CA HIS A 165 -2.44 12.74 -35.09
C HIS A 165 -2.51 14.18 -34.58
N GLU A 166 -1.77 15.05 -35.25
CA GLU A 166 -1.75 16.48 -34.94
C GLU A 166 -3.16 17.09 -34.94
N LYS A 167 -3.95 16.73 -35.94
CA LYS A 167 -5.30 17.29 -36.09
C LYS A 167 -6.15 16.99 -34.87
N GLN A 168 -6.11 15.73 -34.44
CA GLN A 168 -6.83 15.26 -33.27
C GLN A 168 -6.39 15.97 -31.98
N ALA A 169 -5.08 16.13 -31.80
CA ALA A 169 -4.54 16.87 -30.66
C ALA A 169 -5.04 18.31 -30.65
N ALA A 170 -4.99 18.97 -31.79
CA ALA A 170 -5.52 20.34 -31.89
C ALA A 170 -7.02 20.41 -31.60
N GLU A 171 -7.77 19.38 -32.02
CA GLU A 171 -9.20 19.35 -31.75
C GLU A 171 -9.51 19.19 -30.27
N ARG A 172 -8.79 18.29 -29.61
CA ARG A 172 -8.96 18.10 -28.17
C ARG A 172 -8.64 19.40 -27.42
N ILE A 173 -7.54 20.04 -27.81
CA ILE A 173 -7.15 21.28 -27.14
C ILE A 173 -8.21 22.36 -27.39
N ALA A 174 -8.77 22.40 -28.59
CA ALA A 174 -9.79 23.40 -28.89
C ALA A 174 -11.05 23.18 -28.04
N GLN A 175 -11.44 21.93 -27.85
CA GLN A 175 -12.61 21.60 -27.01
C GLN A 175 -12.39 22.13 -25.61
N PHE A 176 -11.20 21.88 -25.09
CA PHE A 176 -10.84 22.35 -23.77
C PHE A 176 -10.83 23.88 -23.72
N ASP A 177 -10.23 24.50 -24.73
CA ASP A 177 -10.12 25.97 -24.75
C ASP A 177 -11.52 26.61 -24.70
N LYS A 178 -12.50 26.00 -25.36
CA LYS A 178 -13.86 26.55 -25.29
C LYS A 178 -14.44 26.47 -23.87
N GLN A 179 -14.28 25.31 -23.24
CA GLN A 179 -14.77 25.11 -21.88
C GLN A 179 -14.02 25.98 -20.88
N LEU A 180 -12.74 26.20 -21.13
CA LEU A 180 -11.92 27.05 -20.26
C LEU A 180 -12.39 28.48 -20.31
N ALA A 181 -12.59 28.99 -21.52
CA ALA A 181 -13.03 30.37 -21.71
C ALA A 181 -14.31 30.60 -20.94
N ALA A 182 -15.21 29.62 -20.97
CA ALA A 182 -16.44 29.68 -20.18
C ALA A 182 -16.15 29.50 -18.70
N ALA A 183 -15.31 28.55 -18.34
CA ALA A 183 -15.01 28.27 -16.95
C ALA A 183 -14.43 29.49 -16.21
N LYS A 184 -13.46 30.16 -16.83
CA LYS A 184 -12.80 31.32 -16.20
C LYS A 184 -13.80 32.43 -15.95
N GLU A 185 -14.86 32.46 -16.75
CA GLU A 185 -15.93 33.41 -16.55
C GLU A 185 -16.84 32.94 -15.43
N GLN A 186 -17.05 31.63 -15.37
CA GLN A 186 -18.06 31.06 -14.46
C GLN A 186 -17.66 30.89 -12.99
N ILE A 187 -16.36 30.86 -12.68
CA ILE A 187 -15.90 30.62 -11.30
C ILE A 187 -15.30 31.86 -10.59
N LYS A 188 -15.44 31.90 -9.26
CA LYS A 188 -14.74 32.90 -8.44
C LYS A 188 -13.64 32.21 -7.64
N LEU A 189 -12.39 32.63 -7.82
CA LEU A 189 -11.25 31.93 -7.22
C LEU A 189 -11.28 31.97 -5.69
N PRO A 190 -10.88 30.88 -5.04
CA PRO A 190 -10.66 30.96 -3.60
C PRO A 190 -9.41 31.81 -3.30
N PRO A 191 -9.13 32.05 -2.01
CA PRO A 191 -7.98 32.85 -1.59
C PRO A 191 -6.63 32.36 -2.14
N GLN A 192 -5.82 33.26 -2.63
CA GLN A 192 -4.51 32.98 -3.18
C GLN A 192 -3.43 33.45 -2.24
N PRO A 193 -2.25 32.89 -2.32
CA PRO A 193 -1.90 31.88 -3.31
C PRO A 193 -2.30 30.49 -2.86
N VAL A 194 -2.03 29.50 -3.69
CA VAL A 194 -2.54 28.19 -3.41
C VAL A 194 -1.45 27.13 -3.47
N THR A 195 -1.63 26.08 -2.72
CA THR A 195 -0.75 24.95 -2.74
C THR A 195 -1.42 23.73 -3.35
N ALA A 196 -0.76 23.05 -4.28
CA ALA A 196 -1.32 21.84 -4.90
C ALA A 196 -0.46 20.64 -4.53
N ILE A 197 -1.10 19.58 -4.05
CA ILE A 197 -0.39 18.39 -3.60
C ILE A 197 -1.10 17.08 -3.99
N VAL A 198 -0.40 15.97 -3.75
CA VAL A 198 -1.06 14.69 -3.55
C VAL A 198 -0.74 14.34 -2.11
N TYR A 199 -1.77 14.07 -1.32
CA TYR A 199 -1.60 13.79 0.10
C TYR A 199 -1.71 12.30 0.35
N THR A 200 -0.88 11.80 1.27
CA THR A 200 -0.95 10.39 1.69
C THR A 200 -1.26 10.33 3.18
N ALA A 201 -2.52 10.13 3.51
CA ALA A 201 -3.02 10.38 4.86
C ALA A 201 -2.29 9.62 5.99
N ALA A 202 -2.17 8.30 5.88
CA ALA A 202 -1.55 7.52 6.95
C ALA A 202 -0.03 7.72 7.01
N ALA A 203 0.56 8.22 5.93
CA ALA A 203 1.99 8.50 5.93
C ALA A 203 2.29 9.89 6.48
N HIS A 204 1.25 10.69 6.66
CA HIS A 204 1.43 12.09 7.02
C HIS A 204 2.52 12.71 6.19
N SER A 205 2.37 12.58 4.88
CA SER A 205 3.32 13.15 3.94
C SER A 205 2.57 13.63 2.71
N ALA A 206 3.22 14.44 1.90
CA ALA A 206 2.63 14.85 0.63
C ALA A 206 3.72 15.06 -0.40
N ASN A 207 3.34 14.96 -1.67
CA ASN A 207 4.17 15.47 -2.74
C ASN A 207 3.56 16.76 -3.30
N LEU A 208 4.39 17.79 -3.44
CA LEU A 208 3.93 19.12 -3.80
C LEU A 208 4.16 19.32 -5.28
N TRP A 209 3.13 19.72 -6.01
CA TRP A 209 3.28 19.95 -7.43
C TRP A 209 4.02 21.26 -7.66
N THR A 210 4.97 21.24 -8.59
CA THR A 210 5.70 22.45 -8.96
C THR A 210 4.97 23.24 -10.05
N PRO A 211 5.40 24.49 -10.27
CA PRO A 211 4.85 25.29 -11.37
C PRO A 211 5.07 24.66 -12.74
N GLU A 212 6.13 23.86 -12.87
CA GLU A 212 6.49 23.18 -14.11
C GLU A 212 5.60 21.99 -14.42
N SER A 213 5.04 21.39 -13.37
CA SER A 213 4.26 20.17 -13.51
C SER A 213 3.02 20.49 -14.30
N ALA A 214 2.42 19.45 -14.88
CA ALA A 214 1.17 19.61 -15.58
C ALA A 214 0.13 20.22 -14.64
N GLN A 215 0.08 19.74 -13.41
CA GLN A 215 -0.91 20.23 -12.43
C GLN A 215 -0.69 21.72 -12.19
N GLY A 216 0.56 22.11 -11.99
CA GLY A 216 0.86 23.51 -11.75
C GLY A 216 0.53 24.39 -12.94
N GLN A 217 0.94 23.96 -14.13
CA GLN A 217 0.64 24.75 -15.32
C GLN A 217 -0.86 24.90 -15.55
N MET A 218 -1.62 23.84 -15.29
CA MET A 218 -3.07 23.95 -15.42
C MET A 218 -3.69 24.95 -14.45
N LEU A 219 -3.31 24.89 -13.17
CA LEU A 219 -3.81 25.87 -12.20
C LEU A 219 -3.44 27.29 -12.60
N GLU A 220 -2.20 27.49 -13.06
CA GLU A 220 -1.80 28.81 -13.53
C GLU A 220 -2.66 29.26 -14.72
N GLN A 221 -2.96 28.33 -15.62
CA GLN A 221 -3.76 28.68 -16.80
C GLN A 221 -5.14 29.16 -16.38
N LEU A 222 -5.66 28.59 -15.30
CA LEU A 222 -6.97 28.96 -14.78
C LEU A 222 -6.95 30.23 -13.95
N GLY A 223 -5.77 30.82 -13.79
CA GLY A 223 -5.67 32.10 -13.12
C GLY A 223 -5.23 32.03 -11.67
N PHE A 224 -4.86 30.83 -11.21
CA PHE A 224 -4.32 30.66 -9.86
C PHE A 224 -2.85 31.08 -9.77
N THR A 225 -2.46 31.53 -8.58
CA THR A 225 -1.05 31.76 -8.26
C THR A 225 -0.60 30.68 -7.27
N LEU A 226 0.45 29.95 -7.60
CA LEU A 226 0.96 28.92 -6.70
C LEU A 226 1.79 29.59 -5.60
N ALA A 227 1.64 29.10 -4.38
CA ALA A 227 2.44 29.55 -3.25
C ALA A 227 3.95 29.32 -3.45
N LYS A 228 4.76 30.28 -3.02
CA LYS A 228 6.20 30.08 -3.02
C LYS A 228 6.58 29.26 -1.77
N LEU A 229 7.63 28.46 -1.90
CA LEU A 229 8.09 27.63 -0.79
C LEU A 229 9.08 28.32 0.15
N PRO A 230 9.11 27.90 1.42
CA PRO A 230 10.16 28.30 2.37
C PRO A 230 11.51 27.77 1.91
N ALA A 231 12.61 28.20 2.55
CA ALA A 231 13.91 27.65 2.20
C ALA A 231 14.04 26.22 2.74
N GLY A 232 15.09 25.53 2.33
CA GLY A 232 15.29 24.17 2.76
C GLY A 232 14.39 23.29 1.93
N LEU A 233 13.31 23.92 1.45
CA LEU A 233 12.49 23.30 0.44
C LEU A 233 13.01 23.73 -0.92
N ASN A 234 13.56 22.72 -1.59
CA ASN A 234 14.02 22.78 -2.97
C ASN A 234 14.51 21.37 -3.17
N ALA A 235 14.18 20.77 -4.31
CA ALA A 235 14.55 19.39 -4.54
C ALA A 235 15.47 19.31 -5.74
N SER A 236 16.57 18.59 -5.59
CA SER A 236 17.47 18.39 -6.71
C SER A 236 16.68 17.88 -7.90
N GLN A 237 16.94 18.43 -9.07
CA GLN A 237 16.43 17.87 -10.32
C GLN A 237 17.53 17.85 -11.36
N SER A 238 18.76 17.69 -10.86
CA SER A 238 19.92 17.47 -11.70
C SER A 238 19.97 16.00 -12.12
N GLN A 239 20.66 15.72 -13.22
CA GLN A 239 20.84 14.34 -13.67
C GLN A 239 19.55 13.76 -14.21
N GLY A 240 18.68 14.63 -14.74
CA GLY A 240 17.41 14.20 -15.30
C GLY A 240 16.38 13.77 -14.26
N LYS A 241 16.58 14.17 -13.01
CA LYS A 241 15.60 13.86 -11.99
C LYS A 241 14.34 14.69 -12.24
N ARG A 242 13.22 14.21 -11.71
CA ARG A 242 11.91 14.73 -12.08
C ARG A 242 11.70 16.20 -11.69
N HIS A 243 10.98 16.93 -12.53
CA HIS A 243 10.66 18.34 -12.30
C HIS A 243 9.25 18.61 -11.76
N ASP A 244 8.48 17.56 -11.52
CA ASP A 244 7.04 17.72 -11.22
C ASP A 244 6.67 17.88 -9.74
N ILE A 245 7.48 17.33 -8.84
CA ILE A 245 7.12 17.34 -7.43
C ILE A 245 8.32 17.66 -6.55
N ILE A 246 7.99 18.08 -5.33
CA ILE A 246 8.93 18.25 -4.24
C ILE A 246 8.35 17.43 -3.10
N GLN A 247 9.16 16.54 -2.53
CA GLN A 247 8.69 15.68 -1.47
C GLN A 247 8.53 16.46 -0.17
N LEU A 248 7.40 16.25 0.50
CA LEU A 248 7.15 16.84 1.82
C LEU A 248 6.94 15.78 2.89
N GLY A 249 8.02 15.31 3.51
CA GLY A 249 7.91 14.42 4.64
C GLY A 249 8.27 15.12 5.95
N GLY A 250 7.90 14.52 7.07
CA GLY A 250 8.25 15.08 8.37
C GLY A 250 7.77 16.52 8.53
N GLU A 251 8.64 17.37 9.07
CA GLU A 251 8.33 18.77 9.32
C GLU A 251 8.03 19.54 8.03
N ASN A 252 8.48 19.00 6.90
CA ASN A 252 8.23 19.65 5.62
C ASN A 252 6.77 19.64 5.18
N LEU A 253 5.97 18.73 5.77
CA LEU A 253 4.53 18.70 5.47
C LEU A 253 3.86 20.03 5.84
N ALA A 254 3.81 20.35 7.12
CA ALA A 254 3.21 21.61 7.56
C ALA A 254 3.90 22.81 6.89
N ALA A 255 5.22 22.73 6.73
CA ALA A 255 5.96 23.83 6.14
C ALA A 255 5.58 24.08 4.68
N GLY A 256 5.30 23.01 3.95
CA GLY A 256 5.08 23.11 2.52
C GLY A 256 3.62 23.38 2.15
N LEU A 257 2.71 23.13 3.09
CA LEU A 257 1.31 23.41 2.84
C LEU A 257 0.99 24.84 3.30
N ASN A 258 1.62 25.81 2.66
CA ASN A 258 1.58 27.19 3.16
C ASN A 258 0.65 28.13 2.40
N GLY A 259 0.00 27.64 1.34
CA GLY A 259 -0.96 28.46 0.61
C GLY A 259 -2.21 28.82 1.41
N GLU A 260 -2.88 29.90 0.98
CA GLU A 260 -4.16 30.26 1.57
C GLU A 260 -5.26 29.25 1.26
N SER A 261 -5.15 28.59 0.10
CA SER A 261 -6.02 27.49 -0.27
C SER A 261 -5.16 26.27 -0.59
N LEU A 262 -5.75 25.08 -0.52
CA LEU A 262 -5.01 23.84 -0.71
C LEU A 262 -5.84 22.93 -1.62
N PHE A 263 -5.23 22.45 -2.70
CA PHE A 263 -5.86 21.51 -3.61
C PHE A 263 -5.20 20.14 -3.57
N LEU A 264 -6.01 19.10 -3.36
CA LEU A 264 -5.54 17.73 -3.39
C LEU A 264 -5.91 17.04 -4.70
N PHE A 265 -4.91 16.80 -5.55
CA PHE A 265 -5.08 15.97 -6.74
C PHE A 265 -5.01 14.51 -6.32
N ALA A 266 -5.62 13.63 -7.12
CA ALA A 266 -5.63 12.20 -6.83
C ALA A 266 -6.23 11.93 -5.46
N GLY A 267 -7.15 12.78 -5.04
CA GLY A 267 -7.82 12.58 -3.76
C GLY A 267 -9.28 12.98 -3.84
N ASP A 268 -10.09 12.49 -2.91
CA ASP A 268 -11.46 12.98 -2.84
C ASP A 268 -11.78 13.42 -1.40
N GLN A 269 -13.06 13.49 -1.06
CA GLN A 269 -13.42 14.19 0.17
C GLN A 269 -12.78 13.60 1.42
N LYS A 270 -12.65 12.27 1.48
CA LYS A 270 -12.10 11.70 2.70
C LYS A 270 -10.67 12.21 2.93
N ASP A 271 -9.97 12.52 1.84
CA ASP A 271 -8.60 13.00 1.94
C ASP A 271 -8.53 14.44 2.46
N ALA A 272 -9.41 15.29 1.94
CA ALA A 272 -9.57 16.64 2.45
C ALA A 272 -9.96 16.61 3.93
N ASP A 273 -10.92 15.76 4.27
CA ASP A 273 -11.35 15.67 5.67
C ASP A 273 -10.23 15.15 6.56
N ALA A 274 -9.38 14.29 6.01
CA ALA A 274 -8.23 13.82 6.78
C ALA A 274 -7.29 14.98 7.09
N ILE A 275 -7.10 15.86 6.12
CA ILE A 275 -6.28 17.06 6.37
C ILE A 275 -6.93 17.96 7.44
N TYR A 276 -8.23 18.21 7.28
CA TYR A 276 -8.95 19.03 8.25
C TYR A 276 -8.89 18.47 9.67
N ALA A 277 -8.72 17.16 9.80
CA ALA A 277 -8.76 16.54 11.13
C ALA A 277 -7.37 16.23 11.71
N ASN A 278 -6.32 16.47 10.93
CA ASN A 278 -4.97 16.11 11.35
C ASN A 278 -4.38 17.11 12.35
N PRO A 279 -4.10 16.66 13.58
CA PRO A 279 -3.59 17.65 14.56
C PRO A 279 -2.30 18.35 14.08
N LEU A 280 -1.48 17.67 13.30
CA LEU A 280 -0.25 18.26 12.78
C LEU A 280 -0.49 19.50 11.93
N LEU A 281 -1.68 19.61 11.32
CA LEU A 281 -1.94 20.65 10.33
C LEU A 281 -2.93 21.72 10.83
N ALA A 282 -3.28 21.63 12.11
CA ALA A 282 -4.43 22.38 12.64
C ALA A 282 -4.23 23.89 12.53
N HIS A 283 -2.97 24.32 12.51
CA HIS A 283 -2.62 25.73 12.58
C HIS A 283 -2.48 26.40 11.22
N LEU A 284 -2.59 25.61 10.16
CA LEU A 284 -2.41 26.13 8.80
C LEU A 284 -3.62 26.93 8.34
N PRO A 285 -3.39 28.02 7.59
CA PRO A 285 -4.49 28.88 7.17
C PRO A 285 -5.50 28.17 6.28
N ALA A 286 -5.06 27.32 5.34
CA ALA A 286 -6.02 26.63 4.49
C ALA A 286 -6.95 25.76 5.33
N VAL A 287 -6.43 25.25 6.43
CA VAL A 287 -7.22 24.40 7.32
C VAL A 287 -8.20 25.23 8.15
N GLN A 288 -7.67 26.25 8.80
CA GLN A 288 -8.49 27.08 9.67
C GLN A 288 -9.53 27.89 8.90
N ASN A 289 -9.23 28.26 7.65
CA ASN A 289 -10.19 29.01 6.84
C ASN A 289 -11.07 28.13 5.95
N LYS A 290 -10.95 26.81 6.13
CA LYS A 290 -11.75 25.84 5.39
C LYS A 290 -11.61 26.00 3.88
N GLN A 291 -10.36 26.06 3.42
CA GLN A 291 -10.04 26.18 2.01
C GLN A 291 -9.22 24.97 1.54
N VAL A 292 -9.61 23.77 1.95
CA VAL A 292 -8.94 22.53 1.53
C VAL A 292 -9.90 21.79 0.59
N TYR A 293 -9.48 21.59 -0.65
CA TYR A 293 -10.36 21.10 -1.72
C TYR A 293 -9.84 19.84 -2.39
N ALA A 294 -10.67 18.81 -2.47
CA ALA A 294 -10.28 17.59 -3.17
C ALA A 294 -10.74 17.66 -4.63
N LEU A 295 -9.81 17.41 -5.55
CA LEU A 295 -10.12 17.48 -6.99
C LEU A 295 -10.54 16.16 -7.65
N GLY A 296 -10.42 15.04 -6.95
CA GLY A 296 -10.82 13.76 -7.53
C GLY A 296 -9.69 12.74 -7.66
N THR A 297 -10.00 11.46 -7.52
CA THR A 297 -8.98 10.42 -7.67
C THR A 297 -8.48 10.24 -9.10
N GLU A 298 -9.19 10.82 -10.07
CA GLU A 298 -8.83 10.66 -11.47
C GLU A 298 -7.93 11.79 -11.97
N THR A 299 -7.24 12.44 -11.04
CA THR A 299 -6.46 13.64 -11.38
C THR A 299 -5.00 13.52 -10.97
N PHE A 300 -4.56 12.28 -10.79
CA PHE A 300 -3.16 11.94 -10.50
C PHE A 300 -2.26 12.32 -11.69
N ARG A 301 -2.79 12.11 -12.90
CA ARG A 301 -2.09 12.52 -14.12
C ARG A 301 -3.06 13.34 -14.95
N LEU A 302 -2.53 14.37 -15.62
CA LEU A 302 -3.38 15.23 -16.47
C LEU A 302 -3.21 14.94 -17.95
N ASP A 303 -4.32 14.57 -18.58
CA ASP A 303 -4.41 14.45 -20.02
C ASP A 303 -5.75 15.09 -20.38
N TYR A 304 -6.14 15.05 -21.65
CA TYR A 304 -7.39 15.70 -22.02
C TYR A 304 -8.54 15.29 -21.11
N TYR A 305 -8.64 14.00 -20.82
CA TYR A 305 -9.78 13.50 -20.04
C TYR A 305 -9.81 14.04 -18.62
N SER A 306 -8.69 13.93 -17.92
CA SER A 306 -8.65 14.39 -16.54
C SER A 306 -8.64 15.92 -16.45
N ALA A 307 -8.11 16.60 -17.47
CA ALA A 307 -8.15 18.05 -17.49
C ALA A 307 -9.61 18.51 -17.54
N MET A 308 -10.41 17.84 -18.37
CA MET A 308 -11.81 18.24 -18.47
C MET A 308 -12.50 18.01 -17.13
N GLN A 309 -12.07 16.97 -16.43
CA GLN A 309 -12.65 16.65 -15.11
C GLN A 309 -12.29 17.70 -14.11
N VAL A 310 -11.07 18.18 -14.19
CA VAL A 310 -10.62 19.20 -13.24
C VAL A 310 -11.45 20.47 -13.46
N LEU A 311 -11.64 20.84 -14.71
CA LEU A 311 -12.54 21.96 -15.04
C LEU A 311 -13.90 21.82 -14.37
N ASP A 312 -14.54 20.68 -14.61
CA ASP A 312 -15.88 20.43 -14.06
C ASP A 312 -15.91 20.55 -12.54
N ARG A 313 -14.85 20.05 -11.91
CA ARG A 313 -14.80 20.03 -10.45
C ARG A 313 -14.61 21.44 -9.91
N LEU A 314 -13.76 22.21 -10.57
CA LEU A 314 -13.50 23.57 -10.14
C LEU A 314 -14.77 24.40 -10.33
N LYS A 315 -15.50 24.13 -11.42
CA LYS A 315 -16.79 24.77 -11.62
C LYS A 315 -17.76 24.39 -10.52
N ALA A 316 -17.85 23.11 -10.20
CA ALA A 316 -18.73 22.68 -9.11
C ALA A 316 -18.39 23.36 -7.78
N LEU A 317 -17.11 23.59 -7.53
CA LEU A 317 -16.68 24.19 -6.27
C LEU A 317 -16.84 25.71 -6.26
N PHE A 318 -16.57 26.34 -7.40
CA PHE A 318 -16.33 27.78 -7.39
C PHE A 318 -17.23 28.61 -8.28
N LEU A 319 -18.28 28.02 -8.84
CA LEU A 319 -19.24 28.83 -9.61
C LEU A 319 -19.73 30.03 -8.79
N GLU A 320 -19.68 31.22 -9.38
CA GLU A 320 -20.13 32.45 -8.71
C GLU A 320 -21.42 32.25 -7.91
N HIS A 321 -22.43 31.72 -8.57
CA HIS A 321 -23.78 31.62 -8.00
C HIS A 321 -23.88 30.65 -6.83
N HIS A 322 -22.86 29.81 -6.62
CA HIS A 322 -22.84 28.97 -5.44
C HIS A 322 -22.46 29.80 -4.22
N ASP B 28 -46.48 -3.70 10.62
CA ASP B 28 -45.03 -3.63 10.54
C ASP B 28 -44.55 -2.72 9.41
N TRP B 29 -45.26 -2.78 8.28
CA TRP B 29 -44.92 -1.99 7.11
C TRP B 29 -46.21 -1.49 6.47
N PRO B 30 -46.17 -0.28 5.89
CA PRO B 30 -45.00 0.61 5.81
C PRO B 30 -44.49 1.07 7.18
N ARG B 31 -43.23 1.51 7.23
CA ARG B 31 -42.69 2.09 8.45
C ARG B 31 -41.82 3.31 8.12
N GLN B 32 -41.63 4.16 9.12
CA GLN B 32 -40.93 5.42 8.94
C GLN B 32 -39.53 5.31 9.53
N ILE B 33 -38.54 5.73 8.78
CA ILE B 33 -37.15 5.70 9.24
C ILE B 33 -36.49 7.03 8.93
N THR B 34 -35.86 7.62 9.93
CA THR B 34 -35.30 8.96 9.72
C THR B 34 -33.78 8.98 9.56
N ASP B 35 -33.34 9.83 8.66
CA ASP B 35 -31.94 9.95 8.29
C ASP B 35 -31.42 11.29 8.71
N SER B 36 -30.16 11.55 8.39
CA SER B 36 -29.61 12.88 8.51
C SER B 36 -30.21 13.71 7.38
N ARG B 37 -30.86 13.03 6.44
CA ARG B 37 -31.47 13.69 5.30
C ARG B 37 -33.00 13.68 5.39
N GLY B 38 -33.51 13.44 6.60
CA GLY B 38 -34.94 13.51 6.84
C GLY B 38 -35.57 12.16 7.17
N THR B 39 -36.89 12.12 7.16
CA THR B 39 -37.62 10.89 7.48
C THR B 39 -38.10 10.23 6.19
N HIS B 40 -38.07 8.91 6.17
CA HIS B 40 -38.34 8.17 4.95
C HIS B 40 -39.30 7.04 5.24
N THR B 41 -40.10 6.69 4.25
CA THR B 41 -41.03 5.59 4.40
C THR B 41 -40.53 4.37 3.66
N LEU B 42 -40.44 3.25 4.37
CA LEU B 42 -40.23 1.97 3.70
C LEU B 42 -41.60 1.33 3.54
N GLU B 43 -42.03 1.23 2.29
CA GLU B 43 -43.39 0.80 1.96
C GLU B 43 -43.60 -0.69 2.27
N SER B 44 -42.53 -1.46 2.21
CA SER B 44 -42.59 -2.86 2.59
C SER B 44 -41.20 -3.30 3.04
N GLN B 45 -41.09 -4.52 3.54
CA GLN B 45 -39.81 -5.02 4.03
C GLN B 45 -38.83 -5.19 2.88
N PRO B 46 -37.62 -4.61 3.01
CA PRO B 46 -36.60 -4.80 1.97
C PRO B 46 -36.25 -6.27 1.80
N GLN B 47 -36.14 -6.72 0.55
CA GLN B 47 -35.75 -8.11 0.26
C GLN B 47 -34.46 -8.19 -0.55
N ARG B 48 -34.00 -7.06 -1.06
CA ARG B 48 -32.77 -7.00 -1.85
C ARG B 48 -31.93 -5.80 -1.44
N ILE B 49 -31.22 -5.93 -0.32
CA ILE B 49 -30.45 -4.82 0.23
C ILE B 49 -29.07 -4.74 -0.41
N VAL B 50 -28.68 -3.55 -0.82
CA VAL B 50 -27.33 -3.33 -1.31
C VAL B 50 -26.62 -2.39 -0.34
N SER B 51 -25.47 -2.82 0.17
CA SER B 51 -24.67 -1.98 1.04
C SER B 51 -23.47 -1.45 0.28
N THR B 52 -23.39 -0.14 0.14
CA THR B 52 -22.21 0.48 -0.44
C THR B 52 -21.10 0.62 0.60
N SER B 53 -21.36 0.14 1.82
CA SER B 53 -20.33 0.14 2.86
C SER B 53 -19.90 -1.27 3.30
N VAL B 54 -18.68 -1.66 2.96
CA VAL B 54 -18.21 -2.98 3.36
C VAL B 54 -18.28 -3.15 4.89
N THR B 55 -18.11 -2.05 5.63
CA THR B 55 -18.25 -2.07 7.09
C THR B 55 -19.66 -2.50 7.53
N LEU B 56 -20.70 -1.85 6.99
CA LEU B 56 -22.07 -2.13 7.43
C LEU B 56 -22.50 -3.56 7.09
N THR B 57 -21.95 -4.10 6.01
CA THR B 57 -22.32 -5.41 5.51
C THR B 57 -22.18 -6.50 6.56
N GLY B 58 -21.15 -6.40 7.40
CA GLY B 58 -20.92 -7.38 8.45
C GLY B 58 -22.08 -7.44 9.44
N SER B 59 -22.61 -6.28 9.77
CA SER B 59 -23.74 -6.19 10.69
C SER B 59 -25.02 -6.74 10.04
N LEU B 60 -25.22 -6.43 8.76
CA LEU B 60 -26.36 -6.96 8.03
C LEU B 60 -26.33 -8.50 8.00
N LEU B 61 -25.17 -9.07 7.71
CA LEU B 61 -25.05 -10.51 7.67
C LEU B 61 -25.32 -11.12 9.04
N ALA B 62 -24.83 -10.45 10.08
CA ALA B 62 -24.98 -10.93 11.45
C ALA B 62 -26.45 -11.10 11.86
N ILE B 63 -27.35 -10.29 11.29
CA ILE B 63 -28.77 -10.37 11.62
C ILE B 63 -29.60 -11.03 10.51
N ASP B 64 -28.92 -11.72 9.60
CA ASP B 64 -29.57 -12.43 8.51
C ASP B 64 -30.40 -11.53 7.63
N ALA B 65 -30.02 -10.26 7.51
CA ALA B 65 -30.72 -9.36 6.62
C ALA B 65 -30.36 -9.71 5.18
N PRO B 66 -31.31 -9.54 4.25
CA PRO B 66 -31.09 -9.95 2.86
C PRO B 66 -30.17 -9.01 2.09
N VAL B 67 -28.90 -8.90 2.50
CA VAL B 67 -27.91 -8.16 1.72
C VAL B 67 -27.50 -8.99 0.53
N ILE B 68 -27.78 -8.50 -0.67
CA ILE B 68 -27.48 -9.31 -1.85
C ILE B 68 -26.14 -8.97 -2.47
N ALA B 69 -25.65 -7.75 -2.22
CA ALA B 69 -24.36 -7.33 -2.77
C ALA B 69 -23.73 -6.26 -1.88
N SER B 70 -22.40 -6.17 -1.90
CA SER B 70 -21.68 -5.26 -1.03
C SER B 70 -20.53 -4.60 -1.79
N GLY B 71 -20.21 -3.37 -1.40
CA GLY B 71 -18.94 -2.77 -1.79
C GLY B 71 -17.83 -3.56 -1.14
N ALA B 72 -16.62 -3.44 -1.68
CA ALA B 72 -15.48 -4.16 -1.16
C ALA B 72 -14.28 -3.23 -1.09
N THR B 73 -13.30 -3.57 -0.25
CA THR B 73 -11.99 -2.94 -0.31
C THR B 73 -11.11 -3.72 -1.24
N THR B 74 -9.82 -3.40 -1.21
CA THR B 74 -8.86 -4.11 -2.03
C THR B 74 -8.65 -5.52 -1.52
N PRO B 75 -8.86 -6.52 -2.38
CA PRO B 75 -8.66 -7.91 -1.96
C PRO B 75 -7.27 -8.10 -1.37
N ASN B 76 -7.18 -8.93 -0.33
CA ASN B 76 -5.91 -9.28 0.29
C ASN B 76 -5.11 -8.10 0.84
N ASN B 77 -5.76 -6.99 1.17
CA ASN B 77 -5.04 -5.94 1.88
C ASN B 77 -5.02 -6.30 3.35
N ARG B 78 -4.64 -5.38 4.24
CA ARG B 78 -4.46 -5.71 5.65
C ARG B 78 -5.71 -6.26 6.32
N VAL B 79 -6.87 -5.82 5.86
CA VAL B 79 -8.10 -6.04 6.60
C VAL B 79 -9.13 -6.91 5.86
N ALA B 80 -8.82 -7.29 4.62
CA ALA B 80 -9.79 -7.98 3.78
C ALA B 80 -9.38 -9.40 3.36
N ASP B 81 -10.36 -10.15 2.86
CA ASP B 81 -10.12 -11.50 2.34
C ASP B 81 -9.81 -11.43 0.84
N ASP B 82 -9.87 -12.57 0.14
CA ASP B 82 -9.52 -12.59 -1.28
C ASP B 82 -10.54 -11.93 -2.21
N GLN B 83 -11.69 -11.53 -1.67
CA GLN B 83 -12.68 -10.84 -2.48
C GLN B 83 -12.75 -9.36 -2.13
N GLY B 84 -12.07 -8.97 -1.05
CA GLY B 84 -12.15 -7.59 -0.61
C GLY B 84 -13.15 -7.38 0.51
N PHE B 85 -13.68 -8.47 1.05
CA PHE B 85 -14.64 -8.42 2.16
C PHE B 85 -13.88 -8.52 3.49
N LEU B 86 -14.45 -7.96 4.56
CA LEU B 86 -13.76 -7.96 5.84
C LEU B 86 -13.62 -9.38 6.38
N ARG B 87 -12.50 -9.64 7.04
CA ARG B 87 -12.10 -11.02 7.33
C ARG B 87 -13.04 -11.78 8.25
N GLN B 88 -13.63 -11.08 9.21
CA GLN B 88 -14.44 -11.74 10.24
C GLN B 88 -15.70 -12.40 9.68
N TRP B 89 -16.18 -11.90 8.54
CA TRP B 89 -17.37 -12.48 7.92
C TRP B 89 -17.12 -13.01 6.52
N SER B 90 -15.86 -13.29 6.22
CA SER B 90 -15.49 -13.82 4.91
C SER B 90 -16.26 -15.12 4.60
N LYS B 91 -16.30 -16.04 5.55
CA LYS B 91 -16.90 -17.35 5.29
C LYS B 91 -18.40 -17.21 5.05
N VAL B 92 -19.07 -16.40 5.88
CA VAL B 92 -20.51 -16.21 5.75
C VAL B 92 -20.89 -15.61 4.41
N ALA B 93 -20.07 -14.65 3.95
CA ALA B 93 -20.29 -13.99 2.66
C ALA B 93 -20.21 -15.01 1.51
N LYS B 94 -19.27 -15.94 1.63
CA LYS B 94 -19.08 -16.97 0.63
C LYS B 94 -20.25 -17.96 0.65
N GLU B 95 -20.67 -18.36 1.84
CA GLU B 95 -21.76 -19.33 1.99
C GLU B 95 -23.05 -18.80 1.42
N ARG B 96 -23.28 -17.50 1.59
CA ARG B 96 -24.50 -16.86 1.12
C ARG B 96 -24.38 -16.26 -0.27
N LYS B 97 -23.24 -16.48 -0.92
CA LYS B 97 -23.04 -16.02 -2.30
C LYS B 97 -23.23 -14.53 -2.40
N LEU B 98 -22.74 -13.79 -1.40
CA LEU B 98 -22.79 -12.34 -1.46
C LEU B 98 -22.06 -11.83 -2.70
N GLN B 99 -22.69 -10.95 -3.46
CA GLN B 99 -22.08 -10.42 -4.67
C GLN B 99 -21.22 -9.19 -4.37
N ARG B 100 -20.11 -9.04 -5.09
CA ARG B 100 -19.27 -7.85 -4.97
C ARG B 100 -19.65 -6.79 -6.01
N LEU B 101 -20.03 -5.62 -5.50
CA LEU B 101 -20.39 -4.48 -6.34
C LEU B 101 -19.20 -3.90 -7.09
N TYR B 102 -18.12 -3.64 -6.35
CA TYR B 102 -16.95 -2.98 -6.88
C TYR B 102 -15.84 -3.08 -5.86
N ILE B 103 -14.63 -2.76 -6.29
CA ILE B 103 -13.49 -2.73 -5.41
C ILE B 103 -13.08 -1.27 -5.23
N GLY B 104 -13.25 -0.76 -4.01
CA GLY B 104 -12.78 0.57 -3.66
C GLY B 104 -13.63 1.73 -4.14
N GLU B 105 -13.49 2.07 -5.42
CA GLU B 105 -14.19 3.21 -6.02
C GLU B 105 -15.66 2.86 -6.31
N PRO B 106 -16.60 3.58 -5.65
CA PRO B 106 -18.03 3.25 -5.78
C PRO B 106 -18.59 3.47 -7.18
N SER B 107 -19.46 2.56 -7.61
CA SER B 107 -20.10 2.63 -8.92
C SER B 107 -21.61 2.52 -8.80
N ALA B 108 -22.33 3.58 -9.17
CA ALA B 108 -23.78 3.57 -9.12
C ALA B 108 -24.37 2.66 -10.20
N GLU B 109 -23.65 2.51 -11.30
CA GLU B 109 -24.04 1.58 -12.35
C GLU B 109 -24.06 0.15 -11.82
N ALA B 110 -23.07 -0.17 -10.99
CA ALA B 110 -22.97 -1.51 -10.41
C ALA B 110 -24.11 -1.76 -9.43
N VAL B 111 -24.52 -0.71 -8.74
CA VAL B 111 -25.62 -0.78 -7.78
C VAL B 111 -26.94 -1.03 -8.52
N ALA B 112 -27.14 -0.29 -9.61
CA ALA B 112 -28.33 -0.44 -10.43
C ALA B 112 -28.48 -1.87 -10.97
N ALA B 113 -27.37 -2.46 -11.41
CA ALA B 113 -27.38 -3.81 -11.94
C ALA B 113 -27.96 -4.84 -10.98
N GLN B 114 -27.92 -4.53 -9.68
CA GLN B 114 -28.35 -5.48 -8.67
C GLN B 114 -29.85 -5.36 -8.35
N MET B 115 -30.50 -4.35 -8.95
CA MET B 115 -31.93 -4.11 -8.75
C MET B 115 -32.33 -4.18 -7.29
N PRO B 116 -31.79 -3.27 -6.48
CA PRO B 116 -32.03 -3.21 -5.03
C PRO B 116 -33.39 -2.62 -4.69
N ASP B 117 -33.89 -2.95 -3.51
CA ASP B 117 -35.02 -2.18 -2.96
C ASP B 117 -34.61 -1.32 -1.76
N LEU B 118 -33.34 -1.41 -1.36
CA LEU B 118 -32.81 -0.53 -0.31
C LEU B 118 -31.31 -0.37 -0.49
N ILE B 119 -30.84 0.87 -0.39
CA ILE B 119 -29.40 1.16 -0.52
C ILE B 119 -28.89 1.79 0.76
N LEU B 120 -27.78 1.27 1.30
CA LEU B 120 -27.19 1.85 2.50
C LEU B 120 -25.83 2.45 2.16
N ILE B 121 -25.58 3.62 2.73
CA ILE B 121 -24.35 4.38 2.57
C ILE B 121 -23.80 4.73 3.96
N SER B 122 -22.50 4.52 4.19
CA SER B 122 -21.92 4.99 5.45
C SER B 122 -21.54 6.46 5.35
N ALA B 123 -21.63 7.15 6.48
CA ALA B 123 -21.43 8.60 6.53
C ALA B 123 -19.95 8.98 6.45
N THR B 124 -19.11 8.09 6.96
CA THR B 124 -17.68 8.37 7.13
C THR B 124 -16.84 7.17 6.71
N GLY B 125 -15.52 7.36 6.68
CA GLY B 125 -14.63 6.26 6.36
C GLY B 125 -14.30 6.13 4.88
N GLY B 126 -13.35 5.26 4.59
CA GLY B 126 -12.90 5.01 3.24
C GLY B 126 -13.93 4.25 2.42
N ASP B 127 -14.95 3.72 3.09
CA ASP B 127 -16.01 2.99 2.38
C ASP B 127 -17.29 3.81 2.20
N SER B 128 -17.24 5.10 2.51
CA SER B 128 -18.39 5.99 2.33
C SER B 128 -18.63 6.30 0.84
N ALA B 129 -19.86 6.05 0.39
CA ALA B 129 -20.25 6.37 -0.98
C ALA B 129 -21.14 7.62 -0.98
N LEU B 130 -20.98 8.45 0.03
CA LEU B 130 -21.83 9.63 0.21
C LEU B 130 -21.86 10.55 -1.02
N ALA B 131 -20.75 10.62 -1.75
CA ALA B 131 -20.67 11.45 -2.95
C ALA B 131 -21.66 11.03 -4.04
N LEU B 132 -22.03 9.74 -4.02
CA LEU B 132 -22.98 9.19 -4.99
C LEU B 132 -24.43 9.22 -4.50
N TYR B 133 -24.70 9.95 -3.43
CA TYR B 133 -26.04 9.94 -2.84
C TYR B 133 -27.16 10.21 -3.85
N ASP B 134 -27.09 11.35 -4.53
CA ASP B 134 -28.12 11.72 -5.50
C ASP B 134 -28.37 10.59 -6.49
N GLN B 135 -27.30 10.14 -7.13
CA GLN B 135 -27.38 9.12 -8.16
C GLN B 135 -27.96 7.80 -7.63
N LEU B 136 -27.54 7.40 -6.44
CA LEU B 136 -28.08 6.19 -5.82
C LEU B 136 -29.55 6.37 -5.44
N SER B 137 -29.92 7.58 -5.03
CA SER B 137 -31.29 7.88 -4.60
C SER B 137 -32.37 7.53 -5.62
N THR B 138 -32.06 7.56 -6.91
CA THR B 138 -33.07 7.23 -7.90
C THR B 138 -33.16 5.73 -8.14
N ILE B 139 -32.12 4.99 -7.76
CA ILE B 139 -32.12 3.56 -7.96
C ILE B 139 -33.11 2.89 -7.01
N ALA B 140 -33.08 3.31 -5.75
CA ALA B 140 -33.92 2.73 -4.71
C ALA B 140 -33.83 3.61 -3.49
N PRO B 141 -34.76 3.44 -2.54
CA PRO B 141 -34.67 4.17 -1.27
C PRO B 141 -33.26 4.02 -0.70
N THR B 142 -32.70 5.12 -0.21
CA THR B 142 -31.29 5.19 0.14
C THR B 142 -31.16 5.82 1.51
N LEU B 143 -30.38 5.22 2.40
CA LEU B 143 -30.21 5.71 3.76
C LEU B 143 -28.73 5.85 4.14
N ILE B 144 -28.41 6.91 4.87
CA ILE B 144 -27.04 7.15 5.33
C ILE B 144 -26.90 6.75 6.80
N ILE B 145 -25.95 5.87 7.09
CA ILE B 145 -25.76 5.32 8.43
C ILE B 145 -24.39 5.71 8.97
N ASN B 146 -24.31 6.08 10.24
CA ASN B 146 -23.02 6.34 10.90
C ASN B 146 -22.58 5.12 11.71
N TYR B 147 -21.35 4.64 11.46
CA TYR B 147 -20.81 3.61 12.33
C TYR B 147 -19.66 4.09 13.23
N ASP B 148 -19.28 5.35 13.07
CA ASP B 148 -18.11 5.93 13.73
C ASP B 148 -18.40 6.42 15.14
N ASP B 149 -19.67 6.45 15.53
CA ASP B 149 -20.06 7.14 16.75
C ASP B 149 -20.97 6.34 17.66
N LYS B 150 -21.00 5.02 17.52
CA LYS B 150 -21.90 4.20 18.32
C LYS B 150 -21.34 2.79 18.47
N SER B 151 -21.83 2.06 19.47
CA SER B 151 -21.40 0.69 19.70
C SER B 151 -21.87 -0.21 18.57
N TRP B 152 -21.26 -1.39 18.45
CA TRP B 152 -21.70 -2.31 17.40
C TRP B 152 -23.12 -2.79 17.71
N GLN B 153 -23.47 -2.85 18.99
CA GLN B 153 -24.81 -3.27 19.39
C GLN B 153 -25.84 -2.22 18.98
N SER B 154 -25.50 -0.93 19.19
CA SER B 154 -26.40 0.15 18.80
C SER B 154 -26.59 0.16 17.28
N LEU B 155 -25.50 0.01 16.53
CA LEU B 155 -25.61 -0.02 15.08
C LEU B 155 -26.47 -1.21 14.65
N LEU B 156 -26.31 -2.34 15.34
CA LEU B 156 -27.02 -3.55 14.95
C LEU B 156 -28.52 -3.39 15.23
N THR B 157 -28.86 -2.74 16.33
CA THR B 157 -30.25 -2.44 16.64
C THR B 157 -30.86 -1.51 15.59
N GLN B 158 -30.11 -0.49 15.21
CA GLN B 158 -30.58 0.47 14.22
C GLN B 158 -30.84 -0.25 12.90
N LEU B 159 -29.92 -1.12 12.51
CA LEU B 159 -30.08 -1.84 11.27
C LEU B 159 -31.26 -2.82 11.37
N GLY B 160 -31.42 -3.43 12.54
CA GLY B 160 -32.58 -4.29 12.78
C GLY B 160 -33.90 -3.59 12.49
N GLU B 161 -34.05 -2.36 12.98
CA GLU B 161 -35.27 -1.57 12.77
C GLU B 161 -35.49 -1.21 11.30
N ILE B 162 -34.40 -0.89 10.61
CA ILE B 162 -34.47 -0.57 9.19
C ILE B 162 -34.89 -1.76 8.32
N THR B 163 -34.46 -2.96 8.70
CA THR B 163 -34.62 -4.12 7.83
C THR B 163 -35.75 -5.04 8.26
N GLY B 164 -36.24 -4.85 9.49
CA GLY B 164 -37.27 -5.71 10.04
C GLY B 164 -36.67 -6.94 10.69
N HIS B 165 -35.40 -6.85 11.06
CA HIS B 165 -34.73 -7.97 11.72
C HIS B 165 -34.37 -7.68 13.16
N GLU B 166 -35.28 -7.00 13.87
CA GLU B 166 -35.09 -6.69 15.28
C GLU B 166 -34.86 -7.97 16.08
N LYS B 167 -35.59 -9.03 15.74
CA LYS B 167 -35.50 -10.29 16.46
C LYS B 167 -34.07 -10.80 16.47
N GLN B 168 -33.48 -10.89 15.28
CA GLN B 168 -32.12 -11.39 15.13
C GLN B 168 -31.09 -10.50 15.84
N ALA B 169 -31.26 -9.19 15.70
CA ALA B 169 -30.38 -8.25 16.39
C ALA B 169 -30.36 -8.51 17.89
N ALA B 170 -31.54 -8.76 18.46
CA ALA B 170 -31.64 -8.96 19.90
C ALA B 170 -31.03 -10.29 20.32
N GLU B 171 -31.18 -11.30 19.47
CA GLU B 171 -30.58 -12.61 19.73
C GLU B 171 -29.05 -12.50 19.76
N ARG B 172 -28.48 -11.81 18.79
CA ARG B 172 -27.03 -11.63 18.72
C ARG B 172 -26.51 -10.87 19.93
N ILE B 173 -27.16 -9.76 20.25
CA ILE B 173 -26.72 -8.95 21.39
C ILE B 173 -26.77 -9.77 22.68
N ALA B 174 -27.80 -10.59 22.80
CA ALA B 174 -27.95 -11.47 23.95
C ALA B 174 -26.91 -12.60 24.00
N GLN B 175 -26.54 -13.14 22.84
CA GLN B 175 -25.46 -14.12 22.78
C GLN B 175 -24.13 -13.51 23.23
N PHE B 176 -23.92 -12.25 22.87
CA PHE B 176 -22.68 -11.58 23.24
C PHE B 176 -22.67 -11.32 24.75
N ASP B 177 -23.83 -10.95 25.30
CA ASP B 177 -23.92 -10.67 26.74
C ASP B 177 -23.63 -11.88 27.62
N LYS B 178 -24.06 -13.05 27.18
CA LYS B 178 -23.73 -14.28 27.91
C LYS B 178 -22.22 -14.46 27.98
N GLN B 179 -21.54 -14.25 26.87
CA GLN B 179 -20.10 -14.40 26.84
C GLN B 179 -19.43 -13.23 27.55
N LEU B 180 -20.04 -12.06 27.45
CA LEU B 180 -19.50 -10.88 28.09
C LEU B 180 -19.44 -11.08 29.59
N ALA B 181 -20.61 -11.28 30.20
CA ALA B 181 -20.70 -11.51 31.64
C ALA B 181 -19.74 -12.61 32.10
N ALA B 182 -19.75 -13.73 31.38
CA ALA B 182 -18.85 -14.84 31.69
C ALA B 182 -17.40 -14.37 31.69
N ALA B 183 -17.05 -13.59 30.68
CA ALA B 183 -15.69 -13.08 30.54
C ALA B 183 -15.42 -11.96 31.53
N LYS B 184 -16.25 -10.92 31.46
CA LYS B 184 -16.03 -9.70 32.22
C LYS B 184 -15.55 -9.97 33.65
N GLU B 185 -16.34 -10.69 34.41
CA GLU B 185 -15.96 -10.89 35.79
C GLU B 185 -14.81 -11.89 35.89
N GLN B 186 -14.55 -12.67 34.86
CA GLN B 186 -13.48 -13.66 34.99
C GLN B 186 -12.07 -13.30 34.49
N ILE B 187 -11.84 -12.11 33.98
CA ILE B 187 -10.49 -11.89 33.50
C ILE B 187 -9.78 -10.86 34.31
N LYS B 188 -8.47 -10.89 34.24
CA LYS B 188 -7.70 -9.92 35.01
C LYS B 188 -7.28 -8.76 34.11
N LEU B 189 -7.79 -7.57 34.41
CA LEU B 189 -7.45 -6.39 33.64
C LEU B 189 -5.96 -6.08 33.69
N PRO B 190 -5.37 -5.76 32.53
CA PRO B 190 -3.99 -5.29 32.48
C PRO B 190 -3.95 -3.90 33.09
N PRO B 191 -2.74 -3.34 33.28
CA PRO B 191 -2.63 -2.00 33.86
C PRO B 191 -3.47 -0.97 33.10
N GLN B 192 -4.10 -0.07 33.81
CA GLN B 192 -4.95 0.92 33.21
C GLN B 192 -4.36 2.31 33.47
N PRO B 193 -4.77 3.34 32.76
CA PRO B 193 -5.71 3.27 31.64
C PRO B 193 -5.05 2.71 30.39
N VAL B 194 -5.83 2.44 29.35
CA VAL B 194 -5.27 1.82 28.16
C VAL B 194 -5.46 2.68 26.92
N THR B 195 -4.60 2.46 25.93
CA THR B 195 -4.69 3.15 24.66
C THR B 195 -5.05 2.12 23.59
N ALA B 196 -5.96 2.47 22.69
CA ALA B 196 -6.41 1.55 21.63
C ALA B 196 -6.16 2.21 20.29
N ILE B 197 -5.46 1.51 19.40
CA ILE B 197 -5.05 2.08 18.12
C ILE B 197 -5.18 1.10 16.98
N VAL B 198 -5.00 1.61 15.76
CA VAL B 198 -4.56 0.77 14.65
C VAL B 198 -3.20 1.34 14.30
N TYR B 199 -2.18 0.49 14.29
CA TYR B 199 -0.80 0.93 14.03
C TYR B 199 -0.41 0.63 12.59
N THR B 200 0.31 1.55 11.95
CA THR B 200 0.87 1.28 10.63
C THR B 200 2.41 1.35 10.69
N ALA B 201 3.03 0.17 10.78
CA ALA B 201 4.43 0.05 11.19
C ALA B 201 5.42 0.83 10.32
N ALA B 202 5.34 0.68 9.00
CA ALA B 202 6.32 1.37 8.15
C ALA B 202 6.06 2.86 8.06
N ALA B 203 4.85 3.28 8.38
CA ALA B 203 4.53 4.71 8.34
C ALA B 203 4.85 5.37 9.67
N HIS B 204 5.18 4.56 10.68
CA HIS B 204 5.41 5.09 12.02
C HIS B 204 4.28 6.06 12.39
N SER B 205 3.05 5.58 12.21
CA SER B 205 1.89 6.38 12.53
C SER B 205 0.82 5.48 13.12
N ALA B 206 -0.18 6.06 13.74
CA ALA B 206 -1.32 5.29 14.22
C ALA B 206 -2.58 6.14 14.22
N ASN B 207 -3.73 5.46 14.16
CA ASN B 207 -4.99 6.12 14.44
C ASN B 207 -5.52 5.64 15.76
N LEU B 208 -5.87 6.59 16.63
CA LEU B 208 -6.27 6.33 17.98
C LEU B 208 -7.79 6.27 18.09
N TRP B 209 -8.30 5.18 18.68
CA TRP B 209 -9.74 5.01 18.82
C TRP B 209 -10.22 5.86 19.98
N THR B 210 -11.30 6.60 19.73
CA THR B 210 -11.92 7.46 20.73
C THR B 210 -12.90 6.67 21.60
N PRO B 211 -13.26 7.24 22.76
CA PRO B 211 -14.33 6.65 23.58
C PRO B 211 -15.63 6.45 22.78
N GLU B 212 -15.91 7.29 21.79
CA GLU B 212 -17.16 7.22 21.03
C GLU B 212 -17.21 6.06 20.05
N SER B 213 -16.03 5.59 19.65
CA SER B 213 -15.96 4.60 18.59
C SER B 213 -16.44 3.26 19.11
N ALA B 214 -16.85 2.39 18.20
CA ALA B 214 -17.21 1.03 18.55
C ALA B 214 -16.12 0.36 19.38
N GLN B 215 -14.87 0.51 18.96
CA GLN B 215 -13.75 -0.06 19.71
C GLN B 215 -13.70 0.47 21.14
N GLY B 216 -13.81 1.79 21.28
CA GLY B 216 -13.75 2.41 22.59
C GLY B 216 -14.90 1.94 23.48
N GLN B 217 -16.08 1.85 22.89
CA GLN B 217 -17.29 1.46 23.61
C GLN B 217 -17.21 0.02 24.10
N MET B 218 -16.69 -0.87 23.25
CA MET B 218 -16.50 -2.25 23.69
C MET B 218 -15.51 -2.35 24.85
N LEU B 219 -14.35 -1.71 24.74
CA LEU B 219 -13.38 -1.74 25.83
C LEU B 219 -13.97 -1.18 27.12
N GLU B 220 -14.69 -0.07 27.02
CA GLU B 220 -15.35 0.53 28.19
C GLU B 220 -16.41 -0.40 28.77
N GLN B 221 -17.09 -1.12 27.88
CA GLN B 221 -18.11 -2.07 28.32
C GLN B 221 -17.46 -3.22 29.09
N LEU B 222 -16.24 -3.57 28.70
CA LEU B 222 -15.50 -4.62 29.37
C LEU B 222 -14.82 -4.20 30.67
N GLY B 223 -14.92 -2.92 31.03
CA GLY B 223 -14.35 -2.43 32.27
C GLY B 223 -13.04 -1.67 32.14
N PHE B 224 -12.55 -1.54 30.90
CA PHE B 224 -11.32 -0.78 30.67
C PHE B 224 -11.59 0.70 30.78
N THR B 225 -10.57 1.45 31.21
CA THR B 225 -10.59 2.89 31.17
C THR B 225 -9.64 3.36 30.07
N LEU B 226 -10.14 4.16 29.13
CA LEU B 226 -9.29 4.68 28.09
C LEU B 226 -8.45 5.85 28.61
N ALA B 227 -7.20 5.92 28.15
CA ALA B 227 -6.30 7.01 28.54
C ALA B 227 -6.77 8.33 28.00
N LYS B 228 -6.49 9.41 28.73
CA LYS B 228 -6.80 10.75 28.26
C LYS B 228 -5.63 11.24 27.42
N LEU B 229 -5.89 12.10 26.44
CA LEU B 229 -4.81 12.60 25.57
C LEU B 229 -4.19 13.88 26.09
N PRO B 230 -2.94 14.17 25.69
CA PRO B 230 -2.32 15.47 25.99
C PRO B 230 -2.93 16.56 25.14
N ALA B 231 -2.71 17.83 25.49
CA ALA B 231 -3.28 18.92 24.71
C ALA B 231 -2.78 18.91 23.28
N GLY B 232 -3.56 19.47 22.37
CA GLY B 232 -3.14 19.59 20.99
C GLY B 232 -3.52 18.41 20.11
N LEU B 233 -3.90 17.31 20.73
CA LEU B 233 -4.31 16.13 19.98
C LEU B 233 -5.79 16.15 19.62
N ASN B 234 -6.50 17.16 20.12
CA ASN B 234 -7.89 17.32 19.73
C ASN B 234 -7.97 17.25 18.21
N ALA B 235 -9.02 16.60 17.70
CA ALA B 235 -9.21 16.49 16.27
C ALA B 235 -10.62 16.95 15.92
N SER B 236 -10.72 17.84 14.93
CA SER B 236 -12.00 18.40 14.54
C SER B 236 -13.05 17.33 14.19
N GLN B 237 -14.26 17.48 14.74
CA GLN B 237 -15.40 16.64 14.40
C GLN B 237 -16.51 17.47 13.75
N SER B 238 -16.20 18.73 13.45
CA SER B 238 -17.17 19.63 12.85
C SER B 238 -17.57 19.18 11.43
N GLN B 239 -18.68 19.74 10.95
CA GLN B 239 -19.15 19.50 9.59
C GLN B 239 -19.30 18.01 9.33
N GLY B 240 -19.71 17.26 10.36
CA GLY B 240 -19.96 15.84 10.22
C GLY B 240 -18.72 14.97 9.97
N LYS B 241 -17.57 15.44 10.44
CA LYS B 241 -16.35 14.64 10.33
C LYS B 241 -16.38 13.49 11.34
N ARG B 242 -15.57 12.48 11.10
CA ARG B 242 -15.68 11.21 11.83
C ARG B 242 -15.36 11.35 13.31
N HIS B 243 -16.05 10.56 14.12
CA HIS B 243 -15.95 10.62 15.58
C HIS B 243 -15.17 9.43 16.16
N ASP B 244 -14.64 8.56 15.28
CA ASP B 244 -14.06 7.28 15.75
C ASP B 244 -12.56 7.33 16.05
N ILE B 245 -11.83 8.16 15.33
CA ILE B 245 -10.37 8.17 15.45
C ILE B 245 -9.77 9.56 15.60
N ILE B 246 -8.58 9.58 16.19
CA ILE B 246 -7.72 10.76 16.18
C ILE B 246 -6.40 10.33 15.55
N GLN B 247 -5.92 11.10 14.57
CA GLN B 247 -4.71 10.73 13.84
C GLN B 247 -3.47 11.04 14.66
N LEU B 248 -2.55 10.07 14.72
CA LEU B 248 -1.28 10.28 15.39
C LEU B 248 -0.11 10.12 14.40
N GLY B 249 0.25 11.22 13.74
CA GLY B 249 1.43 11.26 12.89
C GLY B 249 2.59 11.97 13.57
N GLY B 250 3.82 11.76 13.07
CA GLY B 250 4.98 12.43 13.63
C GLY B 250 5.15 12.26 15.14
N GLU B 251 5.47 13.36 15.81
CA GLU B 251 5.64 13.38 17.25
C GLU B 251 4.39 12.92 18.02
N ASN B 252 3.25 12.95 17.35
CA ASN B 252 2.00 12.59 18.03
C ASN B 252 1.87 11.08 18.31
N LEU B 253 2.65 10.27 17.60
CA LEU B 253 2.61 8.83 17.83
C LEU B 253 3.03 8.48 19.26
N ALA B 254 4.24 8.87 19.64
CA ALA B 254 4.71 8.66 21.00
C ALA B 254 3.82 9.38 22.02
N ALA B 255 3.39 10.60 21.68
CA ALA B 255 2.57 11.41 22.60
C ALA B 255 1.23 10.72 22.89
N GLY B 256 0.63 10.12 21.87
CA GLY B 256 -0.70 9.56 21.98
C GLY B 256 -0.77 8.13 22.48
N LEU B 257 0.35 7.41 22.39
CA LEU B 257 0.46 6.07 22.94
C LEU B 257 0.85 6.16 24.43
N ASN B 258 0.00 6.81 25.22
CA ASN B 258 0.37 7.17 26.60
C ASN B 258 -0.26 6.29 27.67
N GLY B 259 -0.97 5.24 27.25
CA GLY B 259 -1.62 4.34 28.19
C GLY B 259 -0.65 3.39 28.86
N GLU B 260 -1.04 2.87 30.01
CA GLU B 260 -0.21 1.87 30.70
C GLU B 260 -0.20 0.55 29.94
N SER B 261 -1.26 0.31 29.18
CA SER B 261 -1.35 -0.82 28.26
C SER B 261 -1.75 -0.29 26.88
N LEU B 262 -1.39 -1.05 25.83
CA LEU B 262 -1.63 -0.65 24.46
C LEU B 262 -2.33 -1.79 23.73
N PHE B 263 -3.46 -1.50 23.09
CA PHE B 263 -4.18 -2.51 22.32
C PHE B 263 -4.17 -2.17 20.84
N LEU B 264 -3.77 -3.15 20.04
CA LEU B 264 -3.71 -3.00 18.59
C LEU B 264 -4.85 -3.75 17.94
N PHE B 265 -5.84 -3.01 17.44
CA PHE B 265 -6.88 -3.59 16.60
C PHE B 265 -6.37 -3.68 15.17
N ALA B 266 -6.92 -4.62 14.40
CA ALA B 266 -6.49 -4.80 13.01
C ALA B 266 -5.02 -5.12 12.89
N GLY B 267 -4.48 -5.79 13.91
CA GLY B 267 -3.08 -6.13 13.93
C GLY B 267 -2.85 -7.47 14.61
N ASP B 268 -1.72 -8.09 14.31
CA ASP B 268 -1.35 -9.31 15.01
C ASP B 268 0.04 -9.19 15.60
N GLN B 269 0.65 -10.32 15.96
CA GLN B 269 1.85 -10.25 16.78
C GLN B 269 2.97 -9.45 16.12
N LYS B 270 3.08 -9.52 14.81
CA LYS B 270 4.18 -8.82 14.17
C LYS B 270 4.04 -7.31 14.39
N ASP B 271 2.81 -6.82 14.52
CA ASP B 271 2.61 -5.40 14.76
C ASP B 271 2.94 -4.99 16.19
N ALA B 272 2.56 -5.83 17.15
CA ALA B 272 3.01 -5.63 18.53
C ALA B 272 4.54 -5.66 18.60
N ASP B 273 5.16 -6.66 17.97
CA ASP B 273 6.63 -6.74 17.97
C ASP B 273 7.29 -5.54 17.29
N ALA B 274 6.67 -5.02 16.23
CA ALA B 274 7.14 -3.78 15.62
C ALA B 274 7.14 -2.61 16.63
N ILE B 275 6.08 -2.51 17.42
CA ILE B 275 6.02 -1.48 18.46
C ILE B 275 7.14 -1.71 19.46
N TYR B 276 7.27 -2.95 19.94
CA TYR B 276 8.33 -3.28 20.91
C TYR B 276 9.75 -2.96 20.42
N ALA B 277 9.97 -3.06 19.12
CA ALA B 277 11.31 -2.86 18.58
C ALA B 277 11.56 -1.48 17.98
N ASN B 278 10.57 -0.59 17.97
CA ASN B 278 10.73 0.72 17.37
C ASN B 278 11.50 1.66 18.30
N PRO B 279 12.66 2.16 17.87
CA PRO B 279 13.42 3.09 18.73
C PRO B 279 12.60 4.32 19.15
N LEU B 280 11.73 4.81 18.28
CA LEU B 280 10.92 5.98 18.62
C LEU B 280 9.99 5.76 19.85
N LEU B 281 9.68 4.50 20.14
CA LEU B 281 8.69 4.19 21.16
C LEU B 281 9.28 3.55 22.42
N ALA B 282 10.60 3.46 22.47
CA ALA B 282 11.28 2.65 23.48
C ALA B 282 11.06 3.15 24.92
N HIS B 283 10.75 4.43 25.07
CA HIS B 283 10.58 5.05 26.37
C HIS B 283 9.14 4.95 26.94
N LEU B 284 8.20 4.46 26.14
CA LEU B 284 6.81 4.40 26.57
C LEU B 284 6.52 3.30 27.58
N PRO B 285 5.64 3.59 28.55
CA PRO B 285 5.28 2.67 29.64
C PRO B 285 4.84 1.30 29.11
N ALA B 286 3.95 1.29 28.13
CA ALA B 286 3.43 0.02 27.65
C ALA B 286 4.51 -0.82 27.01
N VAL B 287 5.51 -0.16 26.42
CA VAL B 287 6.61 -0.87 25.79
C VAL B 287 7.55 -1.42 26.86
N GLN B 288 8.01 -0.53 27.73
CA GLN B 288 8.94 -0.90 28.79
C GLN B 288 8.39 -2.03 29.67
N ASN B 289 7.09 -1.97 29.96
CA ASN B 289 6.45 -2.95 30.84
C ASN B 289 5.82 -4.15 30.14
N LYS B 290 6.08 -4.27 28.84
CA LYS B 290 5.58 -5.37 28.01
C LYS B 290 4.06 -5.52 28.07
N GLN B 291 3.35 -4.43 27.80
CA GLN B 291 1.90 -4.42 27.84
C GLN B 291 1.32 -3.99 26.48
N VAL B 292 1.90 -4.48 25.40
CA VAL B 292 1.39 -4.20 24.06
C VAL B 292 0.72 -5.46 23.50
N TYR B 293 -0.58 -5.38 23.22
CA TYR B 293 -1.37 -6.56 22.85
C TYR B 293 -2.02 -6.43 21.49
N ALA B 294 -1.77 -7.39 20.61
CA ALA B 294 -2.42 -7.45 19.30
C ALA B 294 -3.76 -8.16 19.47
N LEU B 295 -4.82 -7.60 18.89
CA LEU B 295 -6.16 -8.16 19.07
C LEU B 295 -6.64 -8.96 17.86
N GLY B 296 -5.92 -8.87 16.75
CA GLY B 296 -6.20 -9.68 15.57
C GLY B 296 -6.52 -8.84 14.34
N THR B 297 -6.24 -9.36 13.16
CA THR B 297 -6.49 -8.59 11.94
C THR B 297 -7.96 -8.44 11.60
N GLU B 298 -8.80 -9.27 12.20
CA GLU B 298 -10.22 -9.24 11.91
C GLU B 298 -10.99 -8.29 12.83
N THR B 299 -10.28 -7.33 13.44
CA THR B 299 -10.91 -6.40 14.40
C THR B 299 -10.85 -4.93 13.97
N PHE B 300 -10.69 -4.70 12.67
CA PHE B 300 -10.67 -3.36 12.08
C PHE B 300 -12.03 -2.67 12.24
N ARG B 301 -13.10 -3.45 12.16
CA ARG B 301 -14.46 -2.97 12.39
C ARG B 301 -15.13 -3.96 13.30
N LEU B 302 -16.00 -3.45 14.17
CA LEU B 302 -16.72 -4.33 15.10
C LEU B 302 -18.15 -4.59 14.68
N ASP B 303 -18.47 -5.88 14.54
CA ASP B 303 -19.84 -6.33 14.40
C ASP B 303 -19.95 -7.55 15.30
N TYR B 304 -21.11 -8.20 15.34
CA TYR B 304 -21.23 -9.39 16.17
C TYR B 304 -20.05 -10.37 15.98
N TYR B 305 -19.68 -10.63 14.74
CA TYR B 305 -18.62 -11.59 14.46
C TYR B 305 -17.28 -11.21 15.07
N SER B 306 -16.81 -10.00 14.78
CA SER B 306 -15.48 -9.61 15.26
C SER B 306 -15.52 -9.24 16.74
N ALA B 307 -16.70 -8.85 17.23
CA ALA B 307 -16.89 -8.61 18.66
C ALA B 307 -16.71 -9.91 19.47
N MET B 308 -17.28 -10.99 18.97
CA MET B 308 -17.06 -12.31 19.56
C MET B 308 -15.60 -12.73 19.55
N GLN B 309 -14.91 -12.46 18.45
CA GLN B 309 -13.47 -12.72 18.40
C GLN B 309 -12.67 -11.87 19.40
N VAL B 310 -13.01 -10.60 19.49
CA VAL B 310 -12.27 -9.74 20.44
C VAL B 310 -12.41 -10.32 21.83
N LEU B 311 -13.63 -10.71 22.19
CA LEU B 311 -13.89 -11.33 23.48
C LEU B 311 -13.00 -12.55 23.69
N ASP B 312 -13.00 -13.45 22.72
CA ASP B 312 -12.17 -14.65 22.81
C ASP B 312 -10.69 -14.31 22.98
N ARG B 313 -10.22 -13.33 22.22
CA ARG B 313 -8.83 -12.91 22.28
C ARG B 313 -8.52 -12.33 23.67
N LEU B 314 -9.38 -11.45 24.17
CA LEU B 314 -9.16 -10.85 25.48
C LEU B 314 -9.15 -11.92 26.57
N LYS B 315 -9.90 -13.00 26.36
CA LYS B 315 -9.95 -14.09 27.31
C LYS B 315 -8.65 -14.90 27.24
N ALA B 316 -8.22 -15.20 26.02
CA ALA B 316 -6.99 -15.96 25.83
C ALA B 316 -5.79 -15.21 26.43
N LEU B 317 -5.87 -13.89 26.44
CA LEU B 317 -4.80 -13.06 26.98
C LEU B 317 -4.86 -12.98 28.49
N PHE B 318 -6.04 -12.69 29.02
CA PHE B 318 -6.16 -12.31 30.41
C PHE B 318 -7.02 -13.29 31.22
N ASP C 28 20.85 -41.95 6.10
CA ASP C 28 21.07 -40.63 6.56
C ASP C 28 19.86 -40.48 7.49
N TRP C 29 18.94 -41.43 7.42
CA TRP C 29 17.69 -41.26 8.08
C TRP C 29 17.43 -42.45 8.95
N PRO C 30 17.11 -42.26 10.21
CA PRO C 30 16.66 -40.97 10.72
C PRO C 30 17.78 -40.00 11.05
N ARG C 31 17.38 -38.81 11.48
CA ARG C 31 18.32 -37.82 11.96
C ARG C 31 17.65 -36.94 13.00
N GLN C 32 18.48 -36.21 13.73
CA GLN C 32 17.90 -35.29 14.69
C GLN C 32 18.14 -33.83 14.27
N ILE C 33 17.09 -33.03 14.40
CA ILE C 33 17.13 -31.62 14.07
C ILE C 33 16.62 -30.87 15.29
N THR C 34 17.28 -29.77 15.68
CA THR C 34 16.81 -28.98 16.83
C THR C 34 16.35 -27.56 16.47
N ASP C 35 15.54 -27.01 17.36
CA ASP C 35 14.84 -25.78 17.11
C ASP C 35 14.66 -24.98 18.35
N SER C 36 14.07 -23.83 18.11
CA SER C 36 13.45 -22.99 19.07
C SER C 36 12.66 -23.79 20.06
N ARG C 37 12.20 -24.96 19.65
CA ARG C 37 11.40 -25.71 20.54
C ARG C 37 11.99 -27.07 20.87
N GLY C 38 13.31 -27.08 21.09
CA GLY C 38 14.05 -28.26 21.49
C GLY C 38 14.62 -29.05 20.35
N THR C 39 14.68 -30.36 20.52
CA THR C 39 15.35 -31.25 19.58
C THR C 39 14.34 -32.14 18.91
N HIS C 40 14.50 -32.45 17.63
CA HIS C 40 13.58 -33.39 17.04
C HIS C 40 14.28 -34.34 16.16
N THR C 41 13.68 -35.49 15.95
CA THR C 41 14.29 -36.46 15.05
C THR C 41 13.36 -36.66 13.85
N LEU C 42 13.94 -36.66 12.66
CA LEU C 42 13.18 -36.82 11.43
C LEU C 42 13.18 -38.27 10.98
N GLU C 43 12.03 -38.90 11.10
CA GLU C 43 11.85 -40.32 10.75
C GLU C 43 12.54 -40.66 9.43
N SER C 44 12.04 -40.06 8.36
CA SER C 44 12.54 -40.32 7.01
C SER C 44 12.49 -39.05 6.19
N GLN C 45 13.12 -39.09 5.01
CA GLN C 45 13.21 -37.91 4.16
C GLN C 45 11.85 -37.41 3.68
N PRO C 46 11.53 -36.15 4.03
CA PRO C 46 10.25 -35.54 3.65
C PRO C 46 10.03 -35.59 2.14
N GLN C 47 8.77 -35.78 1.73
CA GLN C 47 8.41 -35.83 0.33
C GLN C 47 7.36 -34.77 -0.02
N ARG C 48 6.68 -34.25 1.00
CA ARG C 48 5.62 -33.28 0.79
C ARG C 48 5.82 -32.09 1.73
N ILE C 49 6.79 -31.26 1.42
CA ILE C 49 7.10 -30.12 2.29
C ILE C 49 6.19 -28.92 2.00
N VAL C 50 5.57 -28.41 3.05
CA VAL C 50 4.78 -27.19 2.93
C VAL C 50 5.50 -26.07 3.67
N SER C 51 5.83 -25.00 2.95
CA SER C 51 6.42 -23.82 3.59
C SER C 51 5.39 -22.73 3.89
N THR C 52 5.26 -22.35 5.16
CA THR C 52 4.39 -21.24 5.53
C THR C 52 5.15 -19.92 5.43
N SER C 53 6.36 -19.98 4.90
CA SER C 53 7.18 -18.78 4.77
C SER C 53 7.64 -18.60 3.33
N VAL C 54 7.14 -17.56 2.66
CA VAL C 54 7.48 -17.32 1.27
C VAL C 54 8.98 -17.04 1.12
N THR C 55 9.58 -16.49 2.17
CA THR C 55 11.03 -16.26 2.20
C THR C 55 11.75 -17.62 2.11
N LEU C 56 11.38 -18.54 2.99
CA LEU C 56 12.04 -19.85 3.08
C LEU C 56 11.91 -20.63 1.78
N THR C 57 10.79 -20.44 1.09
CA THR C 57 10.51 -21.17 -0.15
C THR C 57 11.60 -20.98 -1.19
N GLY C 58 12.16 -19.78 -1.25
CA GLY C 58 13.20 -19.53 -2.23
C GLY C 58 14.39 -20.43 -2.02
N SER C 59 14.77 -20.63 -0.76
CA SER C 59 15.92 -21.49 -0.43
C SER C 59 15.60 -22.95 -0.72
N LEU C 60 14.42 -23.41 -0.29
CA LEU C 60 13.94 -24.75 -0.62
C LEU C 60 14.02 -25.05 -2.11
N LEU C 61 13.58 -24.10 -2.94
CA LEU C 61 13.62 -24.28 -4.39
C LEU C 61 15.03 -24.38 -4.92
N ALA C 62 15.91 -23.54 -4.38
CA ALA C 62 17.30 -23.53 -4.84
C ALA C 62 18.02 -24.89 -4.67
N ILE C 63 17.58 -25.67 -3.68
CA ILE C 63 18.20 -26.98 -3.45
C ILE C 63 17.31 -28.15 -3.90
N ASP C 64 16.31 -27.84 -4.72
CA ASP C 64 15.44 -28.88 -5.29
C ASP C 64 14.67 -29.66 -4.25
N ALA C 65 14.42 -29.06 -3.09
CA ALA C 65 13.64 -29.72 -2.06
C ALA C 65 12.21 -29.93 -2.52
N PRO C 66 11.55 -30.99 -2.05
CA PRO C 66 10.17 -31.27 -2.47
C PRO C 66 9.14 -30.38 -1.79
N VAL C 67 9.28 -29.07 -1.95
CA VAL C 67 8.28 -28.14 -1.43
C VAL C 67 7.09 -28.11 -2.40
N ILE C 68 5.92 -28.53 -1.92
CA ILE C 68 4.75 -28.69 -2.78
C ILE C 68 3.81 -27.48 -2.74
N ALA C 69 3.89 -26.71 -1.67
CA ALA C 69 3.04 -25.54 -1.51
C ALA C 69 3.73 -24.51 -0.64
N SER C 70 3.36 -23.25 -0.83
CA SER C 70 3.98 -22.16 -0.10
C SER C 70 2.98 -21.06 0.21
N GLY C 71 3.14 -20.44 1.37
CA GLY C 71 2.47 -19.19 1.65
C GLY C 71 2.92 -18.19 0.59
N ALA C 72 2.13 -17.15 0.37
CA ALA C 72 2.48 -16.06 -0.55
C ALA C 72 2.20 -14.73 0.13
N THR C 73 2.79 -13.67 -0.39
CA THR C 73 2.44 -12.31 0.03
C THR C 73 1.53 -11.70 -1.04
N THR C 74 1.28 -10.39 -1.00
CA THR C 74 0.30 -9.80 -1.91
C THR C 74 0.77 -9.75 -3.38
N PRO C 75 -0.01 -10.35 -4.28
CA PRO C 75 0.38 -10.35 -5.68
C PRO C 75 0.62 -8.93 -6.21
N ASN C 76 1.70 -8.77 -6.97
CA ASN C 76 2.03 -7.51 -7.61
C ASN C 76 2.39 -6.40 -6.63
N ASN C 77 2.75 -6.74 -5.40
CA ASN C 77 3.23 -5.71 -4.48
C ASN C 77 4.67 -5.35 -4.81
N ARG C 78 5.32 -4.57 -3.94
CA ARG C 78 6.68 -4.11 -4.21
C ARG C 78 7.68 -5.25 -4.41
N VAL C 79 7.46 -6.38 -3.75
CA VAL C 79 8.47 -7.44 -3.74
C VAL C 79 8.02 -8.76 -4.34
N ALA C 80 6.82 -8.82 -4.90
CA ALA C 80 6.29 -10.08 -5.39
C ALA C 80 5.87 -10.08 -6.85
N ASP C 81 5.68 -11.26 -7.41
CA ASP C 81 5.22 -11.39 -8.80
C ASP C 81 3.69 -11.47 -8.86
N ASP C 82 3.14 -11.87 -9.99
CA ASP C 82 1.68 -11.86 -10.16
C ASP C 82 0.94 -12.88 -9.31
N GLN C 83 1.64 -13.79 -8.65
CA GLN C 83 0.92 -14.65 -7.71
C GLN C 83 1.32 -14.49 -6.26
N GLY C 84 2.18 -13.52 -6.00
CA GLY C 84 2.58 -13.20 -4.64
C GLY C 84 3.79 -13.97 -4.16
N PHE C 85 4.50 -14.59 -5.09
CA PHE C 85 5.77 -15.25 -4.77
C PHE C 85 6.91 -14.25 -4.98
N LEU C 86 8.05 -14.45 -4.34
CA LEU C 86 9.13 -13.47 -4.46
C LEU C 86 9.78 -13.47 -5.84
N ARG C 87 10.16 -12.28 -6.31
CA ARG C 87 10.51 -12.09 -7.71
C ARG C 87 11.69 -12.94 -8.17
N GLN C 88 12.70 -13.11 -7.33
CA GLN C 88 13.92 -13.79 -7.78
C GLN C 88 13.71 -15.26 -8.19
N TRP C 89 12.66 -15.89 -7.67
CA TRP C 89 12.40 -17.28 -8.04
C TRP C 89 11.02 -17.48 -8.67
N SER C 90 10.44 -16.39 -9.15
CA SER C 90 9.13 -16.42 -9.81
C SER C 90 9.06 -17.53 -10.86
N LYS C 91 10.06 -17.56 -11.73
CA LYS C 91 10.05 -18.48 -12.87
C LYS C 91 10.14 -19.93 -12.40
N VAL C 92 11.05 -20.20 -11.47
CA VAL C 92 11.25 -21.57 -11.00
C VAL C 92 9.98 -22.14 -10.35
N ALA C 93 9.32 -21.32 -9.55
CA ALA C 93 8.09 -21.74 -8.89
C ALA C 93 7.02 -22.13 -9.91
N LYS C 94 6.92 -21.35 -10.99
CA LYS C 94 5.92 -21.64 -12.02
C LYS C 94 6.28 -22.93 -12.77
N GLU C 95 7.55 -23.07 -13.12
CA GLU C 95 8.02 -24.26 -13.82
C GLU C 95 7.70 -25.51 -12.99
N ARG C 96 7.82 -25.38 -11.67
CA ARG C 96 7.63 -26.53 -10.79
C ARG C 96 6.21 -26.68 -10.25
N LYS C 97 5.32 -25.81 -10.72
CA LYS C 97 3.91 -25.92 -10.38
C LYS C 97 3.67 -25.79 -8.87
N LEU C 98 4.48 -24.97 -8.22
CA LEU C 98 4.33 -24.75 -6.79
C LEU C 98 2.93 -24.22 -6.51
N GLN C 99 2.21 -24.86 -5.59
CA GLN C 99 0.88 -24.40 -5.20
C GLN C 99 1.00 -23.24 -4.20
N ARG C 100 0.04 -22.32 -4.26
CA ARG C 100 -0.04 -21.24 -3.30
C ARG C 100 -1.06 -21.60 -2.20
N LEU C 101 -0.62 -21.58 -0.94
CA LEU C 101 -1.47 -21.95 0.19
C LEU C 101 -2.51 -20.88 0.53
N TYR C 102 -2.06 -19.63 0.56
CA TYR C 102 -2.87 -18.49 0.96
C TYR C 102 -2.10 -17.24 0.59
N ILE C 103 -2.77 -16.09 0.66
CA ILE C 103 -2.12 -14.81 0.45
C ILE C 103 -2.12 -14.01 1.75
N GLY C 104 -0.93 -13.74 2.28
CA GLY C 104 -0.78 -12.95 3.49
C GLY C 104 -1.16 -13.73 4.74
N GLU C 105 -2.46 -13.78 5.05
CA GLU C 105 -2.93 -14.38 6.29
C GLU C 105 -2.88 -15.90 6.27
N PRO C 106 -2.04 -16.49 7.14
CA PRO C 106 -1.83 -17.95 7.19
C PRO C 106 -3.12 -18.73 7.46
N SER C 107 -3.22 -19.92 6.87
CA SER C 107 -4.39 -20.78 7.05
C SER C 107 -3.98 -22.22 7.38
N ALA C 108 -4.30 -22.68 8.58
CA ALA C 108 -3.96 -24.04 8.97
C ALA C 108 -4.74 -25.03 8.10
N GLU C 109 -5.96 -24.64 7.74
CA GLU C 109 -6.83 -25.46 6.91
C GLU C 109 -6.18 -25.69 5.54
N ALA C 110 -5.72 -24.62 4.91
CA ALA C 110 -5.00 -24.71 3.64
C ALA C 110 -3.77 -25.62 3.72
N VAL C 111 -3.11 -25.61 4.87
CA VAL C 111 -1.95 -26.46 5.07
C VAL C 111 -2.39 -27.91 5.21
N ALA C 112 -3.42 -28.13 6.01
CA ALA C 112 -3.97 -29.46 6.23
C ALA C 112 -4.40 -30.10 4.91
N ALA C 113 -4.99 -29.29 4.04
CA ALA C 113 -5.48 -29.79 2.75
C ALA C 113 -4.35 -30.28 1.83
N GLN C 114 -3.10 -30.03 2.21
CA GLN C 114 -1.97 -30.46 1.38
C GLN C 114 -1.33 -31.77 1.83
N MET C 115 -1.87 -32.36 2.90
CA MET C 115 -1.31 -33.58 3.47
C MET C 115 0.21 -33.57 3.50
N PRO C 116 0.79 -32.62 4.25
CA PRO C 116 2.25 -32.49 4.28
C PRO C 116 2.84 -33.51 5.25
N ASP C 117 4.10 -33.87 5.04
CA ASP C 117 4.83 -34.64 6.04
C ASP C 117 5.88 -33.77 6.78
N LEU C 118 6.02 -32.52 6.34
CA LEU C 118 6.88 -31.54 7.00
C LEU C 118 6.33 -30.13 6.80
N ILE C 119 6.21 -29.37 7.89
CA ILE C 119 5.75 -27.99 7.81
C ILE C 119 6.84 -27.04 8.33
N LEU C 120 7.17 -26.02 7.56
CA LEU C 120 8.20 -25.05 7.95
C LEU C 120 7.58 -23.69 8.27
N ILE C 121 8.10 -23.06 9.31
CA ILE C 121 7.59 -21.79 9.81
C ILE C 121 8.77 -20.86 10.06
N SER C 122 8.69 -19.63 9.57
CA SER C 122 9.74 -18.67 9.92
C SER C 122 9.45 -18.07 11.28
N ALA C 123 10.51 -17.80 12.03
CA ALA C 123 10.40 -17.32 13.41
C ALA C 123 10.00 -15.86 13.44
N THR C 124 10.42 -15.12 12.43
CA THR C 124 10.22 -13.67 12.38
C THR C 124 9.76 -13.20 11.01
N GLY C 125 9.35 -11.94 10.90
CA GLY C 125 8.94 -11.40 9.63
C GLY C 125 7.44 -11.40 9.40
N GLY C 126 7.00 -10.75 8.34
CA GLY C 126 5.59 -10.69 8.00
C GLY C 126 5.03 -12.01 7.51
N ASP C 127 5.93 -12.95 7.19
CA ASP C 127 5.51 -14.26 6.68
C ASP C 127 5.58 -15.35 7.77
N SER C 128 5.76 -14.94 9.02
CA SER C 128 5.84 -15.88 10.14
C SER C 128 4.45 -16.38 10.53
N ALA C 129 4.29 -17.71 10.52
CA ALA C 129 3.05 -18.35 10.94
C ALA C 129 3.18 -18.92 12.35
N LEU C 130 4.04 -18.30 13.16
CA LEU C 130 4.35 -18.81 14.50
C LEU C 130 3.11 -18.93 15.38
N ALA C 131 2.13 -18.06 15.17
CA ALA C 131 0.93 -18.03 16.00
C ALA C 131 0.07 -19.28 15.83
N LEU C 132 0.28 -19.99 14.72
CA LEU C 132 -0.48 -21.19 14.43
C LEU C 132 0.28 -22.46 14.81
N TYR C 133 1.43 -22.31 15.45
CA TYR C 133 2.33 -23.45 15.68
C TYR C 133 1.65 -24.68 16.27
N ASP C 134 0.90 -24.48 17.36
CA ASP C 134 0.21 -25.58 18.02
C ASP C 134 -0.68 -26.31 17.04
N GLN C 135 -1.51 -25.56 16.33
CA GLN C 135 -2.42 -26.12 15.34
C GLN C 135 -1.66 -26.85 14.22
N LEU C 136 -0.59 -26.23 13.71
CA LEU C 136 0.19 -26.83 12.63
C LEU C 136 0.98 -28.04 13.08
N SER C 137 1.33 -28.09 14.37
CA SER C 137 2.11 -29.21 14.91
C SER C 137 1.35 -30.52 14.88
N THR C 138 0.04 -30.44 14.96
CA THR C 138 -0.81 -31.62 14.99
C THR C 138 -1.01 -32.18 13.58
N ILE C 139 -0.64 -31.40 12.58
CA ILE C 139 -0.84 -31.78 11.19
C ILE C 139 0.32 -32.59 10.64
N ALA C 140 1.53 -32.25 11.07
CA ALA C 140 2.73 -32.88 10.57
C ALA C 140 3.92 -32.32 11.34
N PRO C 141 5.07 -33.01 11.26
CA PRO C 141 6.29 -32.49 11.88
C PRO C 141 6.52 -31.03 11.48
N THR C 142 6.54 -30.14 12.47
CA THR C 142 6.63 -28.71 12.20
C THR C 142 7.90 -28.11 12.79
N LEU C 143 8.71 -27.50 11.93
CA LEU C 143 9.95 -26.87 12.35
C LEU C 143 9.92 -25.34 12.21
N ILE C 144 10.57 -24.66 13.15
CA ILE C 144 10.64 -23.20 13.16
C ILE C 144 12.06 -22.74 12.80
N ILE C 145 12.15 -21.98 11.71
CA ILE C 145 13.44 -21.59 11.15
C ILE C 145 13.63 -20.07 11.23
N ASN C 146 14.82 -19.63 11.62
CA ASN C 146 15.15 -18.21 11.65
C ASN C 146 15.93 -17.86 10.40
N TYR C 147 15.46 -16.87 9.64
CA TYR C 147 16.21 -16.38 8.49
C TYR C 147 16.76 -14.96 8.71
N ASP C 148 16.43 -14.39 9.87
CA ASP C 148 16.80 -13.02 10.19
C ASP C 148 18.22 -12.85 10.75
N ASP C 149 18.90 -13.96 11.06
CA ASP C 149 20.14 -13.88 11.84
C ASP C 149 21.30 -14.66 11.23
N LYS C 150 21.17 -15.08 9.98
CA LYS C 150 22.21 -15.88 9.35
C LYS C 150 22.34 -15.54 7.89
N SER C 151 23.49 -15.87 7.31
CA SER C 151 23.76 -15.69 5.89
C SER C 151 22.86 -16.62 5.09
N TRP C 152 22.69 -16.32 3.81
CA TRP C 152 21.82 -17.17 2.99
C TRP C 152 22.47 -18.56 2.84
N GLN C 153 23.80 -18.62 2.86
CA GLN C 153 24.49 -19.91 2.75
C GLN C 153 24.19 -20.79 3.96
N SER C 154 24.25 -20.20 5.15
CA SER C 154 23.98 -20.93 6.38
C SER C 154 22.52 -21.38 6.43
N LEU C 155 21.61 -20.53 5.98
CA LEU C 155 20.20 -20.91 5.92
C LEU C 155 20.02 -22.11 4.99
N LEU C 156 20.62 -22.04 3.82
CA LEU C 156 20.47 -23.08 2.81
C LEU C 156 21.04 -24.40 3.33
N THR C 157 22.09 -24.30 4.14
CA THR C 157 22.72 -25.47 4.71
C THR C 157 21.82 -26.12 5.74
N GLN C 158 21.20 -25.28 6.57
CA GLN C 158 20.27 -25.77 7.56
C GLN C 158 19.11 -26.50 6.89
N LEU C 159 18.59 -25.93 5.81
CA LEU C 159 17.47 -26.55 5.10
C LEU C 159 17.90 -27.85 4.43
N GLY C 160 19.11 -27.87 3.88
CA GLY C 160 19.68 -29.09 3.32
C GLY C 160 19.70 -30.20 4.36
N GLU C 161 20.13 -29.86 5.57
CA GLU C 161 20.15 -30.83 6.66
C GLU C 161 18.77 -31.37 6.98
N ILE C 162 17.76 -30.51 6.88
CA ILE C 162 16.40 -30.90 7.21
C ILE C 162 15.75 -31.75 6.11
N THR C 163 16.11 -31.49 4.86
CA THR C 163 15.38 -32.07 3.74
C THR C 163 16.10 -33.27 3.13
N GLY C 164 17.38 -33.41 3.46
CA GLY C 164 18.20 -34.43 2.84
C GLY C 164 18.82 -33.92 1.56
N HIS C 165 18.77 -32.61 1.34
CA HIS C 165 19.39 -32.04 0.14
C HIS C 165 20.70 -31.32 0.46
N GLU C 166 21.45 -31.87 1.41
CA GLU C 166 22.80 -31.39 1.72
C GLU C 166 23.60 -31.21 0.44
N LYS C 167 23.47 -32.18 -0.45
CA LYS C 167 24.27 -32.20 -1.67
C LYS C 167 23.99 -30.97 -2.55
N GLN C 168 22.71 -30.64 -2.73
CA GLN C 168 22.33 -29.51 -3.57
C GLN C 168 22.68 -28.15 -2.95
N ALA C 169 22.56 -28.08 -1.62
CA ALA C 169 22.99 -26.89 -0.88
C ALA C 169 24.46 -26.63 -1.10
N ALA C 170 25.26 -27.69 -1.00
CA ALA C 170 26.69 -27.55 -1.22
C ALA C 170 26.96 -27.06 -2.64
N GLU C 171 26.20 -27.57 -3.60
CA GLU C 171 26.41 -27.20 -5.01
C GLU C 171 26.18 -25.71 -5.22
N ARG C 172 25.10 -25.21 -4.64
CA ARG C 172 24.75 -23.79 -4.79
C ARG C 172 25.80 -22.91 -4.13
N ILE C 173 26.12 -23.24 -2.88
CA ILE C 173 27.13 -22.49 -2.13
C ILE C 173 28.46 -22.44 -2.89
N ALA C 174 28.88 -23.59 -3.44
CA ALA C 174 30.12 -23.65 -4.21
C ALA C 174 30.06 -22.82 -5.49
N GLN C 175 28.91 -22.86 -6.16
CA GLN C 175 28.68 -22.05 -7.36
C GLN C 175 28.91 -20.57 -7.07
N PHE C 176 28.32 -20.11 -5.97
CA PHE C 176 28.43 -18.71 -5.60
C PHE C 176 29.86 -18.40 -5.23
N ASP C 177 30.45 -19.28 -4.40
CA ASP C 177 31.79 -19.06 -3.89
C ASP C 177 32.74 -18.83 -5.04
N LYS C 178 32.55 -19.59 -6.12
CA LYS C 178 33.37 -19.46 -7.31
C LYS C 178 33.28 -18.05 -7.91
N GLN C 179 32.05 -17.58 -8.09
CA GLN C 179 31.84 -16.25 -8.66
C GLN C 179 32.35 -15.17 -7.71
N LEU C 180 32.14 -15.40 -6.42
CA LEU C 180 32.60 -14.46 -5.41
C LEU C 180 34.13 -14.38 -5.47
N ALA C 181 34.77 -15.53 -5.42
CA ALA C 181 36.23 -15.57 -5.51
C ALA C 181 36.69 -14.80 -6.73
N ALA C 182 36.14 -15.17 -7.89
CA ALA C 182 36.56 -14.61 -9.16
C ALA C 182 36.35 -13.10 -9.26
N ALA C 183 35.61 -12.52 -8.33
CA ALA C 183 35.18 -11.13 -8.47
C ALA C 183 35.62 -10.21 -7.33
N LYS C 184 35.84 -10.78 -6.15
CA LYS C 184 36.06 -9.96 -4.95
C LYS C 184 37.36 -9.16 -5.01
N GLU C 185 38.40 -9.77 -5.56
CA GLU C 185 39.72 -9.17 -5.64
C GLU C 185 39.79 -8.00 -6.62
N GLN C 186 38.78 -7.90 -7.48
CA GLN C 186 38.82 -6.90 -8.53
C GLN C 186 37.90 -5.72 -8.27
N ILE C 187 36.94 -5.86 -7.36
CA ILE C 187 36.03 -4.75 -7.15
C ILE C 187 36.71 -3.57 -6.47
N LYS C 188 36.46 -2.38 -7.01
CA LYS C 188 36.88 -1.15 -6.38
C LYS C 188 35.70 -0.68 -5.54
N LEU C 189 35.87 -0.68 -4.22
CA LEU C 189 34.78 -0.34 -3.29
C LEU C 189 34.45 1.12 -3.38
N PRO C 190 33.16 1.47 -3.22
CA PRO C 190 32.77 2.86 -3.03
C PRO C 190 33.25 3.28 -1.66
N PRO C 191 33.14 4.57 -1.33
CA PRO C 191 33.54 5.07 -0.02
C PRO C 191 32.90 4.27 1.11
N GLN C 192 33.70 3.94 2.12
CA GLN C 192 33.26 3.13 3.25
C GLN C 192 33.25 4.02 4.47
N PRO C 193 32.49 3.64 5.51
CA PRO C 193 31.62 2.47 5.58
C PRO C 193 30.30 2.71 4.85
N VAL C 194 29.50 1.67 4.69
CA VAL C 194 28.27 1.78 3.92
C VAL C 194 27.03 1.50 4.78
N THR C 195 25.91 2.07 4.37
CA THR C 195 24.63 1.80 5.00
C THR C 195 23.78 0.98 4.03
N ALA C 196 23.08 -0.02 4.56
CA ALA C 196 22.21 -0.85 3.72
C ALA C 196 20.79 -0.82 4.29
N ILE C 197 19.83 -0.46 3.43
CA ILE C 197 18.44 -0.30 3.86
C ILE C 197 17.45 -0.87 2.85
N VAL C 198 16.19 -0.96 3.26
CA VAL C 198 15.04 -0.93 2.35
C VAL C 198 14.33 0.40 2.64
N TYR C 199 14.20 1.22 1.60
CA TYR C 199 13.61 2.56 1.73
C TYR C 199 12.15 2.52 1.31
N THR C 200 11.31 3.21 2.08
CA THR C 200 9.90 3.39 1.67
C THR C 200 9.64 4.88 1.45
N ALA C 201 9.61 5.27 0.17
CA ALA C 201 9.72 6.69 -0.18
C ALA C 201 8.61 7.59 0.35
N ALA C 202 7.35 7.19 0.19
CA ALA C 202 6.25 8.07 0.60
C ALA C 202 6.07 8.07 2.11
N ALA C 203 6.64 7.07 2.78
CA ALA C 203 6.60 7.00 4.25
C ALA C 203 7.76 7.77 4.88
N HIS C 204 8.72 8.18 4.06
CA HIS C 204 9.95 8.80 4.56
C HIS C 204 10.54 8.02 5.73
N SER C 205 10.65 6.72 5.52
CA SER C 205 11.15 5.81 6.53
C SER C 205 12.03 4.75 5.87
N ALA C 206 12.83 4.06 6.67
CA ALA C 206 13.59 2.94 6.14
C ALA C 206 13.76 1.89 7.20
N ASN C 207 14.01 0.66 6.76
CA ASN C 207 14.52 -0.37 7.66
C ASN C 207 15.99 -0.61 7.34
N LEU C 208 16.81 -0.58 8.39
CA LEU C 208 18.26 -0.67 8.27
C LEU C 208 18.72 -2.10 8.47
N TRP C 209 19.47 -2.64 7.52
CA TRP C 209 19.97 -4.01 7.64
C TRP C 209 21.12 -4.08 8.65
N THR C 210 21.08 -5.07 9.53
CA THR C 210 22.12 -5.28 10.54
C THR C 210 23.28 -6.12 9.98
N PRO C 211 24.43 -6.12 10.67
CA PRO C 211 25.53 -7.00 10.22
C PRO C 211 25.13 -8.47 10.24
N GLU C 212 24.18 -8.79 11.11
CA GLU C 212 23.74 -10.16 11.33
C GLU C 212 22.77 -10.65 10.25
N SER C 213 22.13 -9.72 9.57
CA SER C 213 21.19 -10.05 8.50
C SER C 213 21.89 -10.66 7.28
N ALA C 214 21.15 -11.42 6.48
CA ALA C 214 21.71 -11.99 5.27
C ALA C 214 22.29 -10.89 4.37
N GLN C 215 21.60 -9.75 4.28
CA GLN C 215 22.10 -8.64 3.48
C GLN C 215 23.44 -8.12 4.03
N GLY C 216 23.54 -7.98 5.35
CA GLY C 216 24.74 -7.45 5.96
C GLY C 216 25.89 -8.44 5.80
N GLN C 217 25.58 -9.72 6.02
CA GLN C 217 26.56 -10.81 5.89
C GLN C 217 27.13 -10.88 4.49
N MET C 218 26.26 -10.68 3.50
CA MET C 218 26.69 -10.70 2.12
C MET C 218 27.59 -9.53 1.78
N LEU C 219 27.22 -8.32 2.18
CA LEU C 219 28.10 -7.17 1.94
C LEU C 219 29.46 -7.34 2.63
N GLU C 220 29.48 -7.85 3.85
CA GLU C 220 30.74 -8.06 4.55
C GLU C 220 31.57 -9.13 3.87
N GLN C 221 30.91 -10.14 3.33
CA GLN C 221 31.65 -11.19 2.61
C GLN C 221 32.31 -10.60 1.37
N LEU C 222 31.68 -9.59 0.80
CA LEU C 222 32.24 -8.90 -0.37
C LEU C 222 33.31 -7.85 -0.04
N GLY C 223 33.56 -7.64 1.25
CA GLY C 223 34.61 -6.74 1.66
C GLY C 223 34.13 -5.37 2.14
N PHE C 224 32.82 -5.14 2.12
CA PHE C 224 32.27 -3.88 2.63
C PHE C 224 32.32 -3.81 4.13
N THR C 225 32.41 -2.59 4.64
CA THR C 225 32.28 -2.34 6.07
C THR C 225 30.98 -1.60 6.33
N LEU C 226 30.15 -2.16 7.20
CA LEU C 226 28.88 -1.52 7.52
C LEU C 226 29.08 -0.39 8.54
N ALA C 227 28.38 0.71 8.34
CA ALA C 227 28.42 1.85 9.24
C ALA C 227 27.95 1.47 10.64
N LYS C 228 28.58 2.04 11.66
CA LYS C 228 28.08 1.89 13.03
C LYS C 228 26.93 2.88 13.24
N LEU C 229 26.01 2.52 14.11
CA LEU C 229 24.83 3.35 14.41
C LEU C 229 25.07 4.32 15.57
N PRO C 230 24.43 5.49 15.53
CA PRO C 230 24.40 6.39 16.70
C PRO C 230 23.59 5.78 17.85
N ALA C 231 23.65 6.37 19.06
CA ALA C 231 22.91 5.80 20.20
C ALA C 231 21.40 6.02 20.11
N GLY C 232 20.66 5.35 20.98
CA GLY C 232 19.21 5.52 21.00
C GLY C 232 18.67 4.82 19.77
N LEU C 233 19.50 4.84 18.74
CA LEU C 233 19.40 3.85 17.71
C LEU C 233 19.92 2.59 18.34
N ASN C 234 18.99 1.93 19.01
CA ASN C 234 19.10 0.54 19.37
C ASN C 234 17.69 0.00 19.23
N ALA C 235 17.58 -1.27 18.88
CA ALA C 235 16.28 -1.92 18.79
C ALA C 235 16.29 -3.18 19.66
N SER C 236 15.23 -3.38 20.42
CA SER C 236 15.14 -4.56 21.25
C SER C 236 15.18 -5.82 20.39
N GLN C 237 15.99 -6.79 20.81
CA GLN C 237 15.96 -8.14 20.22
C GLN C 237 15.52 -9.17 21.25
N SER C 238 15.01 -8.71 22.38
CA SER C 238 14.58 -9.60 23.44
C SER C 238 13.36 -10.41 23.04
N GLN C 239 13.15 -11.53 23.72
CA GLN C 239 11.97 -12.37 23.54
C GLN C 239 11.79 -12.79 22.07
N GLY C 240 12.90 -13.10 21.41
CA GLY C 240 12.84 -13.68 20.09
C GLY C 240 12.46 -12.74 18.95
N LYS C 241 12.54 -11.44 19.21
CA LYS C 241 12.31 -10.47 18.14
C LYS C 241 13.45 -10.53 17.12
N ARG C 242 13.23 -9.91 15.96
CA ARG C 242 14.08 -10.09 14.80
C ARG C 242 15.44 -9.41 14.88
N HIS C 243 16.44 -9.99 14.22
CA HIS C 243 17.83 -9.54 14.28
C HIS C 243 18.29 -8.90 12.97
N ASP C 244 17.40 -8.86 12.00
CA ASP C 244 17.79 -8.44 10.65
C ASP C 244 17.69 -6.95 10.41
N ILE C 245 16.78 -6.27 11.09
CA ILE C 245 16.59 -4.83 10.83
C ILE C 245 16.46 -3.97 12.07
N ILE C 246 16.79 -2.69 11.88
CA ILE C 246 16.50 -1.65 12.85
C ILE C 246 15.61 -0.63 12.16
N GLN C 247 14.45 -0.33 12.74
CA GLN C 247 13.49 0.57 12.11
C GLN C 247 13.97 2.01 12.20
N LEU C 248 13.92 2.73 11.07
CA LEU C 248 14.30 4.14 11.02
C LEU C 248 13.10 5.01 10.62
N GLY C 249 12.37 5.52 11.61
CA GLY C 249 11.26 6.40 11.32
C GLY C 249 11.55 7.79 11.88
N GLY C 250 10.85 8.79 11.35
CA GLY C 250 11.02 10.15 11.83
C GLY C 250 12.44 10.66 11.72
N GLU C 251 12.97 11.21 12.82
CA GLU C 251 14.33 11.73 12.90
C GLU C 251 15.39 10.63 12.67
N ASN C 252 15.00 9.39 12.94
CA ASN C 252 15.94 8.29 12.82
C ASN C 252 16.32 8.00 11.37
N LEU C 253 15.52 8.47 10.42
CA LEU C 253 15.86 8.21 9.00
C LEU C 253 17.20 8.85 8.63
N ALA C 254 17.29 10.17 8.75
CA ALA C 254 18.54 10.86 8.47
C ALA C 254 19.65 10.39 9.40
N ALA C 255 19.32 10.14 10.65
CA ALA C 255 20.33 9.74 11.64
C ALA C 255 20.92 8.37 11.28
N GLY C 256 20.09 7.49 10.75
CA GLY C 256 20.51 6.13 10.48
C GLY C 256 21.19 5.93 9.14
N LEU C 257 20.99 6.88 8.23
CA LEU C 257 21.62 6.85 6.91
C LEU C 257 22.98 7.56 6.91
N ASN C 258 23.91 7.05 7.71
CA ASN C 258 25.10 7.80 8.03
C ASN C 258 26.35 7.30 7.31
N GLY C 259 26.18 6.26 6.50
CA GLY C 259 27.30 5.68 5.76
C GLY C 259 27.81 6.62 4.67
N GLU C 260 29.06 6.44 4.26
CA GLU C 260 29.60 7.26 3.17
C GLU C 260 29.02 6.80 1.82
N SER C 261 28.56 5.55 1.77
CA SER C 261 27.76 5.04 0.65
C SER C 261 26.45 4.46 1.16
N LEU C 262 25.42 4.43 0.32
CA LEU C 262 24.11 3.91 0.74
C LEU C 262 23.59 2.87 -0.27
N PHE C 263 23.16 1.72 0.22
CA PHE C 263 22.61 0.68 -0.66
C PHE C 263 21.14 0.40 -0.38
N LEU C 264 20.36 0.39 -1.46
CA LEU C 264 18.92 0.14 -1.38
C LEU C 264 18.59 -1.26 -1.88
N PHE C 265 18.21 -2.14 -0.98
CA PHE C 265 17.73 -3.46 -1.36
C PHE C 265 16.24 -3.35 -1.62
N ALA C 266 15.70 -4.22 -2.47
CA ALA C 266 14.29 -4.20 -2.85
C ALA C 266 13.89 -2.86 -3.45
N GLY C 267 14.79 -2.25 -4.20
CA GLY C 267 14.54 -0.96 -4.79
C GLY C 267 15.26 -0.82 -6.11
N ASP C 268 14.75 0.03 -7.00
CA ASP C 268 15.46 0.29 -8.24
C ASP C 268 15.74 1.78 -8.38
N GLN C 269 16.07 2.24 -9.58
CA GLN C 269 16.54 3.60 -9.75
C GLN C 269 15.60 4.67 -9.21
N LYS C 270 14.29 4.44 -9.32
CA LYS C 270 13.34 5.45 -8.88
C LYS C 270 13.49 5.69 -7.38
N ASP C 271 13.87 4.65 -6.66
CA ASP C 271 14.02 4.75 -5.21
C ASP C 271 15.31 5.50 -4.84
N ALA C 272 16.38 5.23 -5.59
CA ALA C 272 17.61 6.00 -5.43
C ALA C 272 17.38 7.47 -5.77
N ASP C 273 16.63 7.74 -6.84
CA ASP C 273 16.34 9.13 -7.21
C ASP C 273 15.49 9.81 -6.14
N ALA C 274 14.58 9.07 -5.51
CA ALA C 274 13.76 9.63 -4.44
C ALA C 274 14.63 10.06 -3.25
N ILE C 275 15.62 9.23 -2.88
CA ILE C 275 16.60 9.63 -1.86
C ILE C 275 17.33 10.91 -2.28
N TYR C 276 17.88 10.93 -3.49
CA TYR C 276 18.63 12.07 -3.99
C TYR C 276 17.81 13.36 -4.00
N ALA C 277 16.49 13.25 -4.09
CA ALA C 277 15.65 14.44 -4.21
C ALA C 277 14.90 14.80 -2.92
N ASN C 278 15.04 13.99 -1.88
CA ASN C 278 14.33 14.23 -0.63
C ASN C 278 15.01 15.33 0.19
N PRO C 279 14.32 16.47 0.40
CA PRO C 279 14.93 17.57 1.15
C PRO C 279 15.44 17.16 2.52
N LEU C 280 14.77 16.20 3.15
CA LEU C 280 15.18 15.70 4.47
C LEU C 280 16.57 15.07 4.49
N LEU C 281 17.03 14.62 3.34
CA LEU C 281 18.26 13.81 3.27
C LEU C 281 19.38 14.56 2.55
N ALA C 282 19.11 15.82 2.21
CA ALA C 282 19.99 16.58 1.32
C ALA C 282 21.39 16.78 1.89
N HIS C 283 21.53 16.73 3.21
CA HIS C 283 22.80 17.05 3.87
C HIS C 283 23.69 15.82 4.05
N LEU C 284 23.15 14.64 3.79
CA LEU C 284 23.90 13.41 4.04
C LEU C 284 25.04 13.19 3.04
N PRO C 285 26.14 12.58 3.52
CA PRO C 285 27.34 12.29 2.71
C PRO C 285 27.01 11.46 1.47
N ALA C 286 26.27 10.37 1.63
CA ALA C 286 26.00 9.50 0.48
C ALA C 286 25.20 10.25 -0.59
N VAL C 287 24.36 11.18 -0.16
CA VAL C 287 23.60 11.99 -1.11
C VAL C 287 24.48 13.06 -1.78
N GLN C 288 25.16 13.85 -0.95
CA GLN C 288 26.03 14.91 -1.46
C GLN C 288 27.13 14.37 -2.37
N ASN C 289 27.63 13.18 -2.05
CA ASN C 289 28.74 12.60 -2.79
C ASN C 289 28.30 11.62 -3.90
N LYS C 290 27.00 11.55 -4.15
CA LYS C 290 26.42 10.75 -5.22
C LYS C 290 26.80 9.28 -5.08
N GLN C 291 26.62 8.74 -3.89
CA GLN C 291 26.97 7.37 -3.59
C GLN C 291 25.76 6.59 -3.09
N VAL C 292 24.64 6.79 -3.75
CA VAL C 292 23.43 6.04 -3.45
C VAL C 292 23.17 5.05 -4.59
N TYR C 293 23.04 3.77 -4.24
CA TYR C 293 22.96 2.70 -5.23
C TYR C 293 21.79 1.76 -4.96
N ALA C 294 20.93 1.60 -5.97
CA ALA C 294 19.83 0.66 -5.91
C ALA C 294 20.31 -0.72 -6.37
N LEU C 295 19.98 -1.74 -5.60
CA LEU C 295 20.49 -3.09 -5.88
C LEU C 295 19.47 -4.02 -6.54
N GLY C 296 18.22 -3.57 -6.66
CA GLY C 296 17.21 -4.29 -7.40
C GLY C 296 16.00 -4.69 -6.58
N THR C 297 14.83 -4.75 -7.20
CA THR C 297 13.61 -5.07 -6.46
C THR C 297 13.56 -6.53 -6.01
N GLU C 298 14.43 -7.36 -6.59
CA GLU C 298 14.39 -8.79 -6.30
C GLU C 298 15.40 -9.19 -5.23
N THR C 299 15.77 -8.21 -4.38
CA THR C 299 16.78 -8.40 -3.34
C THR C 299 16.23 -8.11 -1.93
N PHE C 300 14.92 -8.24 -1.78
CA PHE C 300 14.24 -8.10 -0.48
C PHE C 300 14.64 -9.24 0.45
N ARG C 301 14.80 -10.43 -0.12
CA ARG C 301 15.29 -11.58 0.64
C ARG C 301 16.44 -12.19 -0.13
N LEU C 302 17.45 -12.68 0.59
CA LEU C 302 18.57 -13.34 -0.08
C LEU C 302 18.49 -14.86 0.02
N ASP C 303 18.45 -15.49 -1.15
CA ASP C 303 18.63 -16.93 -1.26
C ASP C 303 19.63 -17.08 -2.37
N TYR C 304 19.91 -18.31 -2.77
CA TYR C 304 20.87 -18.53 -3.84
C TYR C 304 20.59 -17.64 -5.07
N TYR C 305 19.33 -17.59 -5.49
CA TYR C 305 18.98 -16.86 -6.71
C TYR C 305 19.23 -15.36 -6.57
N SER C 306 18.70 -14.78 -5.49
CA SER C 306 18.86 -13.34 -5.32
C SER C 306 20.32 -12.99 -4.95
N ALA C 307 21.03 -13.89 -4.28
CA ALA C 307 22.45 -13.65 -3.98
C ALA C 307 23.26 -13.52 -5.26
N MET C 308 22.98 -14.40 -6.23
CA MET C 308 23.63 -14.29 -7.53
C MET C 308 23.29 -12.98 -8.27
N GLN C 309 22.04 -12.54 -8.17
CA GLN C 309 21.65 -11.24 -8.77
C GLN C 309 22.36 -10.03 -8.12
N VAL C 310 22.45 -10.02 -6.79
CA VAL C 310 23.11 -8.93 -6.08
C VAL C 310 24.58 -8.86 -6.47
N LEU C 311 25.23 -10.02 -6.51
CA LEU C 311 26.63 -10.11 -6.91
C LEU C 311 26.83 -9.51 -8.29
N ASP C 312 26.02 -9.96 -9.24
CA ASP C 312 26.04 -9.43 -10.59
C ASP C 312 25.93 -7.90 -10.56
N ARG C 313 24.98 -7.40 -9.78
CA ARG C 313 24.73 -5.96 -9.73
C ARG C 313 25.93 -5.19 -9.16
N LEU C 314 26.51 -5.71 -8.08
CA LEU C 314 27.62 -5.05 -7.43
C LEU C 314 28.87 -5.12 -8.33
N LYS C 315 29.02 -6.22 -9.06
CA LYS C 315 30.09 -6.34 -10.06
C LYS C 315 29.89 -5.31 -11.16
N ALA C 316 28.67 -5.28 -11.71
CA ALA C 316 28.31 -4.31 -12.71
C ALA C 316 28.66 -2.90 -12.24
N LEU C 317 28.44 -2.63 -10.96
CA LEU C 317 28.70 -1.29 -10.42
C LEU C 317 30.17 -1.00 -10.15
N PHE C 318 30.89 -1.98 -9.60
CA PHE C 318 32.16 -1.68 -8.96
C PHE C 318 33.41 -2.45 -9.45
N LEU C 319 33.26 -3.37 -10.40
CA LEU C 319 34.43 -4.01 -10.97
C LEU C 319 35.42 -2.93 -11.46
N GLU C 320 36.69 -3.12 -11.13
CA GLU C 320 37.76 -2.18 -11.50
C GLU C 320 37.63 -1.57 -12.90
N HIS C 321 37.51 -2.43 -13.91
CA HIS C 321 37.62 -2.03 -15.31
C HIS C 321 36.41 -1.29 -15.88
N HIS C 322 35.43 -0.97 -15.05
CA HIS C 322 34.19 -0.34 -15.51
C HIS C 322 34.27 1.20 -15.58
FE FE D . 4.83 7.95 -8.71
O6 EB4 E . 4.61 9.92 -9.41
O4 EB4 E . 4.78 7.65 -10.85
O5 EB4 E . 6.89 8.17 -9.00
N1 EB4 E . 1.22 5.13 -7.77
C5 EB4 E . 7.55 7.42 -8.04
C4 EB4 E . 3.68 6.84 -11.08
C1 EB4 E . 2.88 6.24 -9.90
C2 EB4 E . 6.84 6.60 -7.14
C6 EB4 E . 4.01 10.74 -8.48
C8 EB4 E . 9.06 7.55 -7.90
N2 EB4 E . 5.37 5.16 -5.11
C9 EB4 E . 3.75 12.21 -8.81
C10 EB4 E . 2.14 5.66 -12.70
O3 EB4 E . 3.91 8.85 -7.00
N3 EB4 E . 2.38 8.97 -4.94
C16 EB4 E . 1.76 5.37 -10.21
C7 EB4 E . 3.30 6.56 -12.41
C3 EB4 E . 3.60 10.17 -7.24
C11 EB4 E . 9.72 6.85 -6.89
O1 EB4 E . 3.20 6.60 -8.59
O2 EB4 E . 5.47 6.44 -7.31
C12 EB4 E . 3.08 13.03 -7.88
C15 EB4 E . 2.66 12.46 -6.60
C14 EB4 E . 8.98 5.99 -5.94
C13 EB4 E . 1.38 5.06 -11.60
O7 EB4 E . 0.25 3.74 -9.30
C19 EB4 E . 0.96 4.72 -9.10
C22 EB4 E . 0.63 4.45 -6.67
C25 EB4 E . 0.32 5.42 -5.54
O10 EB4 E . -0.89 5.41 -5.21
O15 EB4 E . 0.88 6.72 -5.37
C30 EB4 E . 0.31 7.68 -4.43
C24 EB4 E . 1.61 8.30 -3.93
C21 EB4 E . 2.43 10.42 -4.99
C18 EB4 E . 2.94 11.01 -6.29
O9 EB4 E . 1.89 11.08 -4.12
C27 EB4 E . 2.44 7.26 -3.20
O12 EB4 E . 2.10 6.99 -2.02
C28 EB4 E . 1.44 3.27 -6.13
O13 EB4 E . 2.70 3.87 -5.85
C26 EB4 E . 3.17 4.13 -4.56
O11 EB4 E . 2.23 4.14 -3.69
C23 EB4 E . 4.50 4.70 -4.03
C29 EB4 E . 4.34 5.66 -2.82
O14 EB4 E . 3.75 6.79 -3.51
C20 EB4 E . 6.78 5.07 -5.05
O8 EB4 E . 7.31 4.62 -4.05
C17 EB4 E . 7.55 5.86 -6.08
C1 DIO F . 6.83 9.75 -5.33
C2 DIO F . 8.32 10.53 -3.70
C1' DIO F . 6.10 8.88 -4.25
C2' DIO F . 7.60 9.68 -2.62
O1 DIO F . 8.23 9.85 -4.99
O1' DIO F . 6.21 9.55 -2.98
O6 EB4 G . 0.69 -1.52 -2.18
O4 EB4 G . -2.21 -0.57 -1.39
O5 EB4 G . -0.75 -3.01 0.43
N1 EB4 G . -1.42 2.78 2.60
C5 EB4 G . -0.27 -3.25 1.71
C4 EB4 G . -2.88 0.59 -0.97
C1 EB4 G . -2.36 1.40 0.25
C2 EB4 G . 0.55 -2.29 2.31
C6 EB4 G . 1.76 -0.73 -2.59
C8 EB4 G . -0.67 -4.51 2.47
N2 EB4 G . 2.37 -0.42 3.48
C9 EB4 G . 2.57 -1.09 -3.85
C10 EB4 G . -4.71 2.31 -1.20
O3 EB4 G . 1.33 0.76 -0.74
N3 EB4 G . 2.65 3.08 -0.54
C16 EB4 G . -3.02 2.61 0.68
C7 EB4 G . -4.03 1.04 -1.65
C3 EB4 G . 2.12 0.43 -1.82
C11 EB4 G . -0.21 -4.70 3.77
O1 EB4 G . -1.24 0.90 0.94
O2 EB4 G . 0.91 -1.17 1.56
C12 EB4 G . 3.66 -0.29 -4.24
C15 EB4 G . 4.04 0.89 -3.46
C14 EB4 G . 0.65 -3.68 4.43
C13 EB4 G . -4.21 3.09 -0.04
O7 EB4 G . -2.71 4.58 2.05
C19 EB4 G . -2.44 3.41 1.82
C22 EB4 G . -0.71 3.65 3.48
C25 EB4 G . 0.37 4.46 2.72
O10 EB4 G . 1.19 5.00 3.49
O15 EB4 G . 0.95 4.25 1.42
C30 EB4 G . 2.08 5.03 0.95
C24 EB4 G . 3.05 3.94 0.50
C21 EB4 G . 3.66 2.42 -1.37
C18 EB4 G . 3.24 1.24 -2.22
O9 EB4 G . 4.80 2.93 -1.44
C27 EB4 G . 3.70 3.17 1.65
O12 EB4 G . 4.21 3.94 2.50
C28 EB4 G . -0.24 3.03 4.78
O13 EB4 G . 0.54 1.93 4.28
C26 EB4 G . 1.90 1.72 4.62
O11 EB4 G . 2.40 2.64 5.37
C23 EB4 G . 2.97 0.73 4.12
C29 EB4 G . 4.17 1.45 3.41
O14 EB4 G . 3.57 1.84 2.15
C20 EB4 G . 1.87 -1.43 4.34
O8 EB4 G . 2.04 -1.32 5.55
C17 EB4 G . 1.03 -2.49 3.69
FE FE H . -10.28 3.99 6.67
O6 EB4 I . -11.08 3.97 8.57
O4 EB4 I . -12.28 3.40 6.24
O5 EB4 I . -10.96 5.91 6.42
N1 EB4 I . -8.46 0.33 4.60
C5 EB4 I . -10.14 6.67 5.64
C4 EB4 I . -12.29 2.12 5.71
C1 EB4 I . -10.96 1.48 5.32
C2 EB4 I . -9.07 6.03 5.02
C6 EB4 I . -10.11 3.73 9.52
C8 EB4 I . -10.31 8.17 5.52
N2 EB4 I . -6.69 4.79 3.99
C9 EB4 I . -10.46 3.65 11.00
C10 EB4 I . -13.46 0.06 4.85
O3 EB4 I . -8.45 3.68 7.79
N3 EB4 I . -6.14 2.64 8.30
C16 EB4 I . -10.94 0.16 4.71
C7 EB4 I . -13.50 1.43 5.47
C3 EB4 I . -8.75 3.56 9.12
C11 EB4 I . -9.40 8.92 4.78
O1 EB4 I . -9.82 2.18 5.68
O2 EB4 I . -8.99 4.64 5.14
C12 EB4 I . -9.47 3.36 11.95
C15 EB4 I . -8.09 3.18 11.56
C14 EB4 I . -8.26 8.24 4.11
C13 EB4 I . -12.19 -0.57 4.46
O7 EB4 I . -9.50 -1.29 3.44
C19 EB4 I . -9.61 -0.43 4.29
C22 EB4 I . -7.17 -0.13 4.14
C25 EB4 I . -6.10 -0.15 5.24
O10 EB4 I . -5.58 -1.28 5.43
O15 EB4 I . -6.11 0.59 6.45
C30 EB4 I . -5.07 0.54 7.47
C24 EB4 I . -4.96 2.02 7.82
C21 EB4 I . -6.30 2.99 9.69
C18 EB4 I . -7.73 3.29 10.12
O9 EB4 I . -5.37 2.81 10.47
C27 EB4 I . -4.35 2.87 6.72
O12 EB4 I . -3.10 2.69 6.54
C28 EB4 I . -6.67 0.55 2.87
O13 EB4 I . -6.75 1.95 3.21
C26 EB4 I . -5.57 2.72 3.34
O11 EB4 I . -4.57 1.99 3.61
C23 EB4 I . -5.39 4.19 3.74
C29 EB4 I . -4.26 4.47 4.78
O14 EB4 I . -4.89 3.93 5.96
C20 EB4 I . -6.92 6.14 3.64
O8 EB4 I . -6.04 6.77 3.08
C17 EB4 I . -8.12 6.81 4.23
C1 DIO J . -6.36 6.34 7.49
C2 DIO J . -5.12 8.27 8.09
C1' DIO J . -7.56 6.91 8.29
C2' DIO J . -6.36 8.85 8.82
O1 DIO J . -5.17 6.81 8.13
O1' DIO J . -7.55 8.34 8.18
FE FE K . -0.27 -0.68 -0.31
FE FE L . 8.35 -7.60 6.46
O6 EB4 M . 10.43 -7.86 6.67
O4 EB4 M . 8.34 -9.71 6.34
O5 EB4 M . 8.16 -7.91 8.48
N1 EB4 M . 6.32 -7.06 2.31
C5 EB4 M . 7.14 -7.20 9.03
C4 EB4 M . 7.93 -10.11 5.09
C1 EB4 M . 7.38 -9.05 4.12
C2 EB4 M . 6.31 -6.43 8.19
C6 EB4 M . 11.11 -6.75 6.26
C8 EB4 M . 6.91 -7.17 10.53
N2 EB4 M . 4.83 -4.63 6.50
C9 EB4 M . 12.64 -6.73 6.30
C10 EB4 M . 7.40 -11.89 3.39
O3 EB4 M . 9.00 -5.67 5.78
N3 EB4 M . 9.08 -3.56 4.24
C16 EB4 M . 6.88 -9.45 2.83
C7 EB4 M . 7.92 -11.48 4.73
C3 EB4 M . 10.39 -5.61 5.79
C11 EB4 M . 5.89 -6.40 11.07
O1 EB4 M . 7.46 -7.72 4.52
O2 EB4 M . 6.54 -6.47 6.82
C12 EB4 M . 13.34 -5.61 5.85
C15 EB4 M . 12.61 -4.44 5.35
C14 EB4 M . 5.02 -5.57 10.18
C13 EB4 M . 6.86 -10.88 2.45
O7 EB4 M . 5.45 -8.70 1.04
C19 EB4 M . 6.22 -8.42 1.93
C22 EB4 M . 5.47 -6.06 1.72
C25 EB4 M . 6.20 -4.71 1.61
O10 EB4 M . 6.39 -4.41 0.42
O15 EB4 M . 7.34 -4.31 2.38
C30 EB4 M . 8.11 -3.15 2.01
C24 EB4 M . 8.41 -2.62 3.41
C21 EB4 M . 10.39 -3.27 4.78
C18 EB4 M . 11.12 -4.47 5.34
O9 EB4 M . 10.97 -2.23 4.47
C27 EB4 M . 7.18 -2.12 4.13
O12 EB4 M . 6.64 -1.06 3.68
C28 EB4 M . 4.09 -5.85 2.32
O13 EB4 M . 4.32 -5.49 3.69
C26 EB4 M . 4.18 -4.17 4.19
O11 EB4 M . 4.26 -3.29 3.27
C23 EB4 M . 4.38 -3.59 5.60
C29 EB4 M . 5.18 -2.25 5.67
O14 EB4 M . 6.47 -2.73 5.22
C20 EB4 M . 4.42 -4.72 7.85
O8 EB4 M . 3.58 -3.96 8.28
C17 EB4 M . 5.24 -5.61 8.76
C1 DIO N . 8.17 -3.31 8.02
C2 DIO N . 8.13 -1.59 9.62
C1' DIO N . 9.10 -4.15 8.94
C2' DIO N . 8.99 -2.47 10.57
O1 DIO N . 8.46 -1.92 8.25
O1' DIO N . 8.78 -3.86 10.30
#